data_1SXQ
#
_entry.id   1SXQ
#
_cell.length_a   72.652
_cell.length_b   70.157
_cell.length_c   96.581
_cell.angle_alpha   90.00
_cell.angle_beta   90.55
_cell.angle_gamma   90.00
#
_symmetry.space_group_name_H-M   'P 1 21 1'
#
loop_
_entity.id
_entity.type
_entity.pdbx_description
1 polymer "5'-D(*AP*AP*AP*AP*AP*AP*GP*TP*TP*TP*TP*TP*T)-3'"
2 polymer "5'-D(*AP*AP*AP*AP*AP*AP*CP*TP*TP*TP*TP*TP*T)-3'"
3 polymer 'DNA beta-glucosyltransferase'
4 non-polymer "URIDINE-5'-DIPHOSPHATE"
5 water water
#
loop_
_entity_poly.entity_id
_entity_poly.type
_entity_poly.pdbx_seq_one_letter_code
_entity_poly.pdbx_strand_id
1 'polydeoxyribonucleotide' (DA)(DA)(DA)(DA)(DA)(DA)(DG)(DT)(DT)(DT)(DT)(DT)(DT) C,D
2 'polydeoxyribonucleotide' (DA)(DA)(DA)(DA)(DA)(DA)(DC)(DT)(DT)(DT)(DT)(DT)(DT) E,F
3 'polypeptide(L)'
;MKIAIINMGNNVINFKTVPSSETIYLFKVISEMGLNVDIISLKNGVYTKSFDEVDVNDYDRLIVVNSSINFFGGKPNLAI
LSAQKFMAKYKSKIYYLFTDIRLPFSQSWPNVKNRPWAYLYTEEELLIKSPIKVISQGINLDIAKAAHKKVDNVIEFEYF
PIEQYKIHMNDFQLSKPTKKTLDVIYGGSFRSGQRESKMVEFLFDTGLNIEFFGNAREKQFKNPKYPWTKAPVFTGKIPM
NMVSEKNSQAIAALIIGDKNYNDNFITLRVWETMASDAVMLIDEEFDTKHRIINDARFYVNNRAELIDRVNELKHSDVLR
KEMLSIQHDILNKTRAKKAEWQDAFKKAIDL
;
A,B
#
# COMPACT_ATOMS: atom_id res chain seq x y z
N MET E 1 21.35 35.94 28.15
CA MET E 1 20.77 36.05 26.79
C MET E 1 20.76 34.68 26.11
N LYS E 2 19.58 34.07 26.05
CA LYS E 2 19.42 32.76 25.42
C LYS E 2 18.58 32.89 24.17
N ILE E 3 19.13 32.44 23.05
CA ILE E 3 18.45 32.53 21.78
C ILE E 3 18.03 31.14 21.30
N ALA E 4 16.85 31.09 20.70
CA ALA E 4 16.34 29.86 20.13
C ALA E 4 16.09 30.15 18.65
N ILE E 5 16.47 29.22 17.79
CA ILE E 5 16.23 29.39 16.37
C ILE E 5 15.52 28.15 15.87
N ILE E 6 14.51 28.34 15.03
CA ILE E 6 13.77 27.21 14.50
C ILE E 6 13.43 27.43 13.04
N ASN E 7 13.12 26.35 12.35
CA ASN E 7 12.69 26.46 10.97
C ASN E 7 11.18 26.29 11.08
N MET E 8 10.42 27.19 10.46
CA MET E 8 8.99 27.14 10.59
C MET E 8 8.24 26.02 9.88
N GLY E 9 8.89 25.35 8.94
CA GLY E 9 8.17 24.30 8.24
C GLY E 9 8.94 23.10 7.73
N ASN E 10 10.17 22.93 8.21
CA ASN E 10 11.00 21.79 7.80
C ASN E 10 11.77 21.22 8.96
N ASN E 11 11.88 19.90 8.98
CA ASN E 11 12.61 19.23 10.04
C ASN E 11 14.08 19.59 9.87
N VAL E 12 14.81 19.71 10.98
CA VAL E 12 16.22 20.06 10.94
C VAL E 12 17.02 18.90 11.54
N ILE E 13 17.94 18.35 10.75
CA ILE E 13 18.76 17.24 11.21
C ILE E 13 20.22 17.41 10.77
N ASN E 14 20.44 17.42 9.46
CA ASN E 14 21.78 17.56 8.92
C ASN E 14 21.83 18.43 7.67
N PHE E 15 22.86 18.23 6.85
CA PHE E 15 23.00 19.03 5.65
C PHE E 15 22.49 18.34 4.39
N LYS E 16 21.68 17.30 4.58
CA LYS E 16 21.13 16.57 3.45
C LYS E 16 19.94 17.26 2.78
N THR E 17 19.40 18.30 3.41
CA THR E 17 18.31 19.07 2.82
C THR E 17 18.68 20.54 2.96
N VAL E 18 18.23 21.36 2.03
CA VAL E 18 18.54 22.78 2.06
C VAL E 18 17.96 23.52 3.28
N PRO E 19 16.67 23.29 3.60
CA PRO E 19 16.10 23.99 4.76
C PRO E 19 16.85 23.65 6.05
N SER E 20 17.22 22.39 6.22
CA SER E 20 17.95 21.99 7.41
C SER E 20 19.33 22.66 7.41
N SER E 21 20.02 22.56 6.29
CA SER E 21 21.35 23.16 6.16
C SER E 21 21.37 24.65 6.51
N GLU E 22 20.46 25.41 5.92
CA GLU E 22 20.43 26.85 6.17
C GLU E 22 20.16 27.15 7.65
N THR E 23 19.31 26.36 8.29
CA THR E 23 19.02 26.59 9.69
C THR E 23 20.26 26.29 10.54
N ILE E 24 20.98 25.23 10.21
CA ILE E 24 22.19 24.89 10.96
C ILE E 24 23.28 25.94 10.72
N TYR E 25 23.43 26.38 9.46
CA TYR E 25 24.42 27.41 9.15
C TYR E 25 24.13 28.67 9.96
N LEU E 26 22.85 29.03 10.06
CA LEU E 26 22.48 30.23 10.82
C LEU E 26 22.81 30.02 12.30
N PHE E 27 22.49 28.85 12.83
CA PHE E 27 22.81 28.50 14.21
C PHE E 27 24.32 28.65 14.43
N LYS E 28 25.11 28.17 13.47
CA LYS E 28 26.56 28.25 13.56
C LYS E 28 27.10 29.68 13.54
N VAL E 29 26.67 30.48 12.56
CA VAL E 29 27.18 31.84 12.45
C VAL E 29 26.75 32.70 13.65
N ILE E 30 25.58 32.42 14.22
CA ILE E 30 25.13 33.19 15.38
C ILE E 30 25.98 32.76 16.59
N SER E 31 26.24 31.46 16.70
CA SER E 31 27.05 30.95 17.79
C SER E 31 28.45 31.54 17.70
N GLU E 32 28.94 31.69 16.47
CA GLU E 32 30.28 32.22 16.25
C GLU E 32 30.43 33.71 16.54
N MET E 33 29.32 34.41 16.75
CA MET E 33 29.45 35.82 17.10
C MET E 33 29.34 35.95 18.61
N GLY E 34 29.53 34.82 19.30
CA GLY E 34 29.50 34.80 20.77
C GLY E 34 28.15 34.72 21.46
N LEU E 35 27.11 34.38 20.72
CA LEU E 35 25.77 34.29 21.30
C LEU E 35 25.39 32.85 21.64
N ASN E 36 24.66 32.70 22.74
CA ASN E 36 24.20 31.39 23.19
C ASN E 36 22.89 31.06 22.46
N VAL E 37 22.96 30.12 21.53
CA VAL E 37 21.79 29.75 20.74
C VAL E 37 21.57 28.25 20.59
N ASP E 38 20.31 27.85 20.62
CA ASP E 38 19.92 26.45 20.45
C ASP E 38 18.98 26.36 19.26
N ILE E 39 19.08 25.28 18.49
CA ILE E 39 18.15 25.07 17.39
C ILE E 39 17.13 24.15 18.04
N ILE E 40 15.84 24.44 17.87
CA ILE E 40 14.80 23.59 18.42
C ILE E 40 14.08 22.99 17.22
N SER E 41 13.95 21.67 17.19
CA SER E 41 13.28 20.99 16.07
C SER E 41 12.43 19.83 16.60
N LEU E 42 12.01 18.94 15.72
CA LEU E 42 11.15 17.84 16.11
C LEU E 42 11.76 16.88 17.14
N LYS E 43 13.05 16.59 16.98
CA LYS E 43 13.71 15.67 17.89
C LYS E 43 15.10 16.13 18.27
N ASN E 44 15.64 15.54 19.32
CA ASN E 44 16.99 15.86 19.73
C ASN E 44 17.90 15.33 18.63
N GLY E 45 19.04 15.97 18.46
CA GLY E 45 19.98 15.53 17.44
C GLY E 45 21.34 16.16 17.67
N VAL E 46 22.24 15.94 16.72
CA VAL E 46 23.58 16.51 16.81
C VAL E 46 23.53 18.04 16.99
N TYR E 47 22.62 18.70 16.29
CA TYR E 47 22.51 20.14 16.35
C TYR E 47 21.22 20.68 16.96
N THR E 48 20.33 19.78 17.38
CA THR E 48 19.04 20.24 17.90
C THR E 48 18.53 19.68 19.21
N LYS E 49 17.57 20.41 19.78
CA LYS E 49 16.86 20.04 21.00
C LYS E 49 15.43 19.84 20.48
N SER E 50 14.59 19.15 21.25
CA SER E 50 13.22 18.88 20.82
C SER E 50 12.20 19.90 21.33
N PHE E 51 11.22 20.23 20.49
CA PHE E 51 10.17 21.17 20.87
C PHE E 51 9.53 20.74 22.20
N ASP E 52 9.29 19.45 22.33
CA ASP E 52 8.64 18.89 23.52
C ASP E 52 9.48 18.79 24.78
N GLU E 53 10.76 19.14 24.68
CA GLU E 53 11.62 19.04 25.85
C GLU E 53 12.14 20.38 26.35
N VAL E 54 11.72 21.46 25.72
CA VAL E 54 12.15 22.80 26.14
C VAL E 54 10.95 23.73 26.29
N ASP E 55 11.13 24.78 27.07
CA ASP E 55 10.09 25.77 27.28
C ASP E 55 10.52 26.97 26.45
N VAL E 56 9.77 27.27 25.39
CA VAL E 56 10.12 28.39 24.52
C VAL E 56 10.28 29.70 25.27
N ASN E 57 9.58 29.84 26.39
CA ASN E 57 9.69 31.09 27.14
C ASN E 57 10.91 31.20 28.05
N ASP E 58 11.79 30.20 27.97
CA ASP E 58 13.03 30.25 28.74
C ASP E 58 14.04 31.03 27.89
N TYR E 59 13.68 31.28 26.64
CA TYR E 59 14.55 32.00 25.73
C TYR E 59 14.21 33.49 25.70
N ASP E 60 15.21 34.33 25.44
CA ASP E 60 15.02 35.77 25.40
C ASP E 60 14.75 36.28 23.99
N ARG E 61 15.08 35.47 23.00
CA ARG E 61 14.87 35.83 21.60
C ARG E 61 14.46 34.56 20.84
N LEU E 62 13.44 34.67 20.00
CA LEU E 62 13.01 33.54 19.19
C LEU E 62 13.18 33.93 17.73
N ILE E 63 14.06 33.23 17.03
CA ILE E 63 14.34 33.50 15.63
C ILE E 63 13.74 32.38 14.80
N VAL E 64 13.05 32.74 13.72
CA VAL E 64 12.39 31.75 12.88
C VAL E 64 12.79 31.86 11.40
N VAL E 65 13.31 30.76 10.85
CA VAL E 65 13.71 30.73 9.45
C VAL E 65 12.43 30.56 8.63
N ASN E 66 12.25 31.40 7.63
CA ASN E 66 11.04 31.33 6.82
C ASN E 66 10.83 29.99 6.14
N SER E 67 9.57 29.66 5.87
N SER E 67 9.57 29.65 5.91
CA SER E 67 9.23 28.41 5.21
CA SER E 67 9.22 28.39 5.27
C SER E 67 7.80 28.47 4.72
C SER E 67 7.78 28.40 4.79
N SER E 68 7.47 27.55 3.82
CA SER E 68 6.12 27.44 3.30
C SER E 68 5.36 26.70 4.41
N ILE E 69 4.05 26.86 4.49
CA ILE E 69 3.29 26.14 5.50
C ILE E 69 2.14 25.38 4.86
N ASN E 70 2.32 25.05 3.58
CA ASN E 70 1.29 24.33 2.84
C ASN E 70 1.17 22.88 3.30
N PHE E 71 -0.06 22.44 3.55
CA PHE E 71 -0.33 21.08 3.98
C PHE E 71 -0.66 20.23 2.76
N PHE E 72 0.38 19.72 2.11
CA PHE E 72 0.20 18.89 0.94
C PHE E 72 -0.68 17.70 1.25
N GLY E 73 -1.59 17.38 0.33
CA GLY E 73 -2.50 16.27 0.54
C GLY E 73 -3.55 16.60 1.58
N GLY E 74 -3.49 17.82 2.11
CA GLY E 74 -4.44 18.23 3.13
C GLY E 74 -4.20 17.44 4.41
N LYS E 75 -3.00 16.89 4.53
CA LYS E 75 -2.61 16.10 5.69
C LYS E 75 -1.81 16.94 6.68
N PRO E 76 -1.75 16.50 7.94
CA PRO E 76 -0.98 17.23 8.95
C PRO E 76 0.51 17.15 8.63
N ASN E 77 1.24 18.21 8.93
CA ASN E 77 2.68 18.25 8.72
C ASN E 77 3.22 18.72 10.08
N LEU E 78 3.79 17.79 10.83
CA LEU E 78 4.29 18.12 12.17
C LEU E 78 5.39 19.19 12.22
N ALA E 79 6.20 19.28 11.18
CA ALA E 79 7.25 20.31 11.16
C ALA E 79 6.61 21.69 11.25
N ILE E 80 5.54 21.90 10.47
CA ILE E 80 4.84 23.16 10.46
C ILE E 80 4.03 23.38 11.74
N LEU E 81 3.22 22.38 12.10
CA LEU E 81 2.38 22.47 13.29
C LEU E 81 3.14 22.63 14.61
N SER E 82 4.19 21.84 14.79
CA SER E 82 4.96 21.93 16.03
C SER E 82 5.70 23.25 16.12
N ALA E 83 6.19 23.75 14.99
CA ALA E 83 6.90 25.03 14.98
C ALA E 83 5.97 26.18 15.31
N GLN E 84 4.77 26.18 14.72
CA GLN E 84 3.84 27.26 14.99
C GLN E 84 3.25 27.18 16.39
N LYS E 85 3.10 25.97 16.93
CA LYS E 85 2.60 25.84 18.31
C LYS E 85 3.67 26.45 19.22
N PHE E 86 4.93 26.19 18.88
CA PHE E 86 6.07 26.71 19.63
C PHE E 86 6.05 28.24 19.58
N MET E 87 5.84 28.78 18.39
CA MET E 87 5.79 30.23 18.20
C MET E 87 4.60 30.83 18.95
N ALA E 88 3.45 30.16 18.88
CA ALA E 88 2.25 30.65 19.54
C ALA E 88 2.39 30.70 21.05
N LYS E 89 3.17 29.79 21.61
CA LYS E 89 3.36 29.74 23.05
C LYS E 89 4.31 30.84 23.53
N TYR E 90 5.16 31.33 22.62
CA TYR E 90 6.13 32.37 22.97
C TYR E 90 5.45 33.68 23.31
N LYS E 91 5.94 34.34 24.36
CA LYS E 91 5.35 35.59 24.82
C LYS E 91 6.20 36.85 24.63
N SER E 92 7.04 36.86 23.60
CA SER E 92 7.85 38.04 23.33
C SER E 92 7.95 38.20 21.81
N LYS E 93 8.76 39.15 21.36
CA LYS E 93 8.88 39.38 19.92
C LYS E 93 9.56 38.26 19.16
N ILE E 94 9.00 37.96 17.99
CA ILE E 94 9.51 36.91 17.11
C ILE E 94 10.23 37.55 15.93
N TYR E 95 11.42 37.04 15.62
CA TYR E 95 12.23 37.56 14.53
C TYR E 95 12.16 36.58 13.36
N TYR E 96 11.46 36.99 12.31
CA TYR E 96 11.27 36.15 11.13
C TYR E 96 12.32 36.47 10.07
N LEU E 97 13.15 35.47 9.76
CA LEU E 97 14.20 35.63 8.76
C LEU E 97 13.59 35.36 7.40
N PHE E 98 13.39 36.45 6.64
CA PHE E 98 12.77 36.40 5.33
C PHE E 98 13.84 36.38 4.23
N THR E 99 14.30 35.18 3.89
CA THR E 99 15.35 34.97 2.89
C THR E 99 14.83 34.60 1.49
N ASP E 100 13.55 34.27 1.39
CA ASP E 100 12.96 33.85 0.12
C ASP E 100 11.62 34.57 -0.01
N ILE E 101 11.50 35.38 -1.06
CA ILE E 101 10.29 36.16 -1.30
C ILE E 101 9.01 35.33 -1.32
N ARG E 102 9.11 34.05 -1.68
CA ARG E 102 7.93 33.18 -1.76
C ARG E 102 7.45 32.68 -0.38
N LEU E 103 8.24 32.93 0.65
CA LEU E 103 7.93 32.40 1.97
C LEU E 103 7.64 33.40 3.09
N PRO E 104 6.71 34.33 2.86
CA PRO E 104 6.40 35.31 3.91
C PRO E 104 5.73 34.60 5.08
N PHE E 105 5.80 35.21 6.26
CA PHE E 105 5.14 34.60 7.42
C PHE E 105 3.64 34.54 7.16
N SER E 106 3.01 33.46 7.59
CA SER E 106 1.57 33.27 7.44
C SER E 106 1.11 32.36 8.56
N GLN E 107 -0.16 32.49 8.95
CA GLN E 107 -0.74 31.68 10.03
C GLN E 107 -1.32 30.38 9.52
N SER E 108 -1.04 29.27 10.21
CA SER E 108 -1.56 27.97 9.81
C SER E 108 -2.99 27.74 10.31
N TRP E 109 -3.34 28.32 11.46
CA TRP E 109 -4.68 28.10 12.01
C TRP E 109 -5.83 28.30 11.02
N PRO E 110 -5.83 29.39 10.26
CA PRO E 110 -6.92 29.61 9.29
C PRO E 110 -7.04 28.45 8.31
N ASN E 111 -5.91 27.80 8.03
CA ASN E 111 -5.86 26.70 7.09
C ASN E 111 -5.89 25.33 7.78
N VAL E 112 -6.10 25.34 9.08
CA VAL E 112 -6.19 24.10 9.87
C VAL E 112 -7.58 23.91 10.44
N LYS E 113 -8.20 25.02 10.86
CA LYS E 113 -9.53 25.02 11.47
C LYS E 113 -10.63 24.28 10.73
N ASN E 114 -10.55 24.20 9.40
CA ASN E 114 -11.58 23.53 8.63
C ASN E 114 -11.17 22.14 8.13
N ARG E 115 -10.01 21.67 8.55
CA ARG E 115 -9.52 20.36 8.14
C ARG E 115 -10.21 19.29 8.98
N PRO E 116 -10.28 18.06 8.47
CA PRO E 116 -10.92 16.99 9.23
C PRO E 116 -10.13 16.66 10.50
N TRP E 117 -8.85 17.07 10.53
CA TRP E 117 -8.01 16.84 11.70
C TRP E 117 -7.90 18.09 12.58
N ALA E 118 -8.78 19.06 12.35
CA ALA E 118 -8.76 20.30 13.12
C ALA E 118 -8.87 20.02 14.62
N TYR E 119 -9.60 18.97 14.98
CA TYR E 119 -9.80 18.62 16.38
C TYR E 119 -8.48 18.38 17.14
N LEU E 120 -7.40 18.16 16.41
CA LEU E 120 -6.10 17.93 17.02
C LEU E 120 -5.49 19.20 17.58
N TYR E 121 -6.03 20.35 17.15
CA TYR E 121 -5.52 21.63 17.59
C TYR E 121 -6.62 22.63 17.94
N THR E 122 -6.23 23.72 18.57
CA THR E 122 -7.16 24.79 18.95
C THR E 122 -6.55 26.11 18.48
N GLU E 123 -7.40 27.12 18.36
CA GLU E 123 -6.91 28.43 17.93
C GLU E 123 -5.86 28.94 18.90
N GLU E 124 -6.09 28.74 20.19
CA GLU E 124 -5.14 29.20 21.20
C GLU E 124 -3.79 28.50 21.05
N GLU E 125 -3.81 27.26 20.62
CA GLU E 125 -2.58 26.49 20.44
C GLU E 125 -1.75 26.88 19.21
N LEU E 126 -2.42 27.20 18.11
CA LEU E 126 -1.72 27.52 16.87
C LEU E 126 -1.66 28.98 16.40
N LEU E 127 -2.66 29.78 16.75
CA LEU E 127 -2.67 31.17 16.31
C LEU E 127 -1.57 31.96 17.01
N ILE E 128 -0.61 32.44 16.24
CA ILE E 128 0.51 33.20 16.76
C ILE E 128 0.13 34.66 16.99
N LYS E 129 0.12 35.09 18.25
CA LYS E 129 -0.28 36.45 18.61
C LYS E 129 0.86 37.42 18.91
N SER E 130 2.04 36.92 19.22
CA SER E 130 3.15 37.80 19.52
C SER E 130 3.54 38.69 18.35
N PRO E 131 4.09 39.89 18.64
CA PRO E 131 4.51 40.79 17.58
C PRO E 131 5.64 40.12 16.79
N ILE E 132 5.68 40.37 15.49
CA ILE E 132 6.69 39.77 14.63
C ILE E 132 7.48 40.84 13.88
N LYS E 133 8.80 40.69 13.90
CA LYS E 133 9.68 41.60 13.18
C LYS E 133 10.24 40.84 11.99
N VAL E 134 10.00 41.35 10.79
CA VAL E 134 10.52 40.69 9.60
C VAL E 134 11.90 41.24 9.25
N ILE E 135 12.89 40.35 9.22
CA ILE E 135 14.25 40.72 8.86
C ILE E 135 14.36 40.32 7.40
N SER E 136 14.29 41.32 6.53
CA SER E 136 14.32 41.13 5.08
C SER E 136 15.70 41.05 4.44
N GLN E 137 15.93 39.98 3.68
CA GLN E 137 17.19 39.81 2.98
C GLN E 137 17.23 40.83 1.86
N GLY E 138 16.04 41.26 1.44
CA GLY E 138 15.93 42.25 0.38
C GLY E 138 15.97 43.66 0.95
N ILE E 139 16.70 44.56 0.30
CA ILE E 139 16.80 45.92 0.77
C ILE E 139 15.51 46.73 0.59
N ASN E 140 14.65 46.31 -0.33
CA ASN E 140 13.37 47.00 -0.59
C ASN E 140 12.32 46.51 0.41
N LEU E 141 12.08 47.28 1.45
CA LEU E 141 11.11 46.89 2.47
C LEU E 141 9.66 47.01 2.02
N ASP E 142 9.40 47.75 0.95
CA ASP E 142 8.03 47.88 0.46
C ASP E 142 7.63 46.53 -0.13
N ILE E 143 8.57 45.89 -0.79
CA ILE E 143 8.31 44.58 -1.36
C ILE E 143 8.12 43.56 -0.23
N ALA E 144 8.92 43.66 0.82
CA ALA E 144 8.78 42.76 1.95
C ALA E 144 7.44 43.00 2.66
N LYS E 145 7.05 44.26 2.79
CA LYS E 145 5.79 44.58 3.45
C LYS E 145 4.61 44.08 2.62
N ALA E 146 4.70 44.24 1.30
CA ALA E 146 3.65 43.79 0.41
C ALA E 146 3.41 42.29 0.55
N ALA E 147 4.49 41.54 0.71
CA ALA E 147 4.38 40.09 0.85
C ALA E 147 3.72 39.70 2.18
N HIS E 148 3.71 40.62 3.14
CA HIS E 148 3.10 40.36 4.45
C HIS E 148 1.88 41.22 4.74
N LYS E 149 1.22 41.71 3.69
CA LYS E 149 0.06 42.57 3.86
C LYS E 149 -1.11 41.91 4.60
N LYS E 150 -1.25 40.59 4.46
CA LYS E 150 -2.36 39.88 5.10
C LYS E 150 -2.12 39.30 6.49
N VAL E 151 -1.07 39.76 7.17
CA VAL E 151 -0.77 39.29 8.53
C VAL E 151 -0.58 40.47 9.49
N ASP E 152 -1.64 40.78 10.22
CA ASP E 152 -1.69 41.89 11.16
C ASP E 152 -0.58 42.10 12.21
N ASN E 153 -0.13 41.05 12.87
CA ASN E 153 0.90 41.22 13.90
C ASN E 153 2.34 41.42 13.44
N VAL E 154 2.55 41.58 12.13
CA VAL E 154 3.89 41.82 11.60
C VAL E 154 4.01 43.34 11.61
N ILE E 155 4.57 43.86 12.70
CA ILE E 155 4.69 45.31 12.89
C ILE E 155 6.04 45.97 12.61
N GLU E 156 7.05 45.19 12.28
CA GLU E 156 8.37 45.77 12.01
C GLU E 156 9.08 45.10 10.85
N PHE E 157 9.83 45.90 10.10
CA PHE E 157 10.57 45.40 8.96
C PHE E 157 11.95 46.06 8.94
N GLU E 158 12.98 45.25 8.74
CA GLU E 158 14.34 45.77 8.68
C GLU E 158 15.17 44.94 7.71
N TYR E 159 15.96 45.61 6.89
CA TYR E 159 16.82 44.93 5.94
C TYR E 159 18.12 44.47 6.60
N PHE E 160 18.53 43.26 6.27
CA PHE E 160 19.80 42.70 6.75
C PHE E 160 20.23 41.61 5.77
N PRO E 161 21.46 41.70 5.23
CA PRO E 161 21.95 40.71 4.28
C PRO E 161 22.26 39.38 4.94
N ILE E 162 21.20 38.68 5.34
CA ILE E 162 21.29 37.39 6.00
C ILE E 162 22.21 36.40 5.27
N GLU E 163 22.07 36.33 3.96
CA GLU E 163 22.82 35.38 3.13
C GLU E 163 24.34 35.45 3.16
N GLN E 164 24.90 36.50 3.76
CA GLN E 164 26.35 36.60 3.83
C GLN E 164 26.94 35.61 4.82
N TYR E 165 26.10 34.91 5.57
CA TYR E 165 26.63 33.95 6.53
C TYR E 165 27.57 32.96 5.85
N LYS E 166 27.32 32.70 4.57
CA LYS E 166 28.17 31.76 3.83
C LYS E 166 29.64 32.18 3.87
N ILE E 167 29.90 33.47 3.71
CA ILE E 167 31.28 33.94 3.68
C ILE E 167 31.87 34.32 5.03
N HIS E 168 31.02 34.45 6.05
CA HIS E 168 31.52 34.82 7.37
C HIS E 168 31.77 33.65 8.31
N MET E 169 31.40 32.44 7.87
CA MET E 169 31.60 31.23 8.69
C MET E 169 33.09 31.09 9.00
N ASN E 170 33.42 30.64 10.20
CA ASN E 170 34.82 30.48 10.59
C ASN E 170 35.57 29.48 9.72
N ASP E 171 34.87 28.49 9.17
CA ASP E 171 35.53 27.48 8.34
C ASP E 171 35.56 27.81 6.85
N PHE E 172 35.10 29.00 6.49
CA PHE E 172 35.08 29.40 5.10
C PHE E 172 36.44 29.45 4.40
N GLN E 173 36.42 29.18 3.11
CA GLN E 173 37.63 29.26 2.29
C GLN E 173 37.22 29.32 0.82
N LEU E 174 38.04 29.99 0.01
CA LEU E 174 37.77 30.12 -1.41
C LEU E 174 38.11 28.79 -2.07
N SER E 175 37.40 28.47 -3.16
CA SER E 175 37.66 27.24 -3.87
C SER E 175 39.00 27.40 -4.57
N LYS E 176 39.68 26.28 -4.80
CA LYS E 176 40.98 26.28 -5.46
C LYS E 176 40.79 25.93 -6.93
N PRO E 177 41.82 26.16 -7.76
CA PRO E 177 41.72 25.83 -9.19
C PRO E 177 41.21 24.40 -9.31
N THR E 178 40.19 24.22 -10.14
CA THR E 178 39.56 22.92 -10.33
C THR E 178 39.51 22.49 -11.79
N LYS E 179 39.67 21.19 -12.04
CA LYS E 179 39.63 20.67 -13.40
C LYS E 179 38.24 20.97 -13.96
N LYS E 180 38.20 21.60 -15.13
CA LYS E 180 36.93 21.96 -15.74
C LYS E 180 36.32 20.84 -16.57
N THR E 181 35.03 20.60 -16.36
CA THR E 181 34.31 19.57 -17.11
C THR E 181 33.01 20.13 -17.68
N LEU E 182 32.75 21.41 -17.42
CA LEU E 182 31.53 22.06 -17.91
C LEU E 182 31.83 23.49 -18.33
N ASP E 183 30.99 24.04 -19.21
CA ASP E 183 31.16 25.42 -19.65
C ASP E 183 30.42 26.33 -18.68
N VAL E 184 29.17 25.98 -18.41
CA VAL E 184 28.31 26.77 -17.52
C VAL E 184 27.56 25.85 -16.56
N ILE E 185 27.32 26.33 -15.35
CA ILE E 185 26.58 25.53 -14.39
C ILE E 185 25.65 26.41 -13.57
N TYR E 186 24.58 25.81 -13.07
CA TYR E 186 23.60 26.50 -12.25
C TYR E 186 22.94 25.46 -11.36
N GLY E 187 22.90 25.71 -10.06
CA GLY E 187 22.28 24.78 -9.14
C GLY E 187 21.09 25.40 -8.43
N GLY E 188 19.95 24.71 -8.46
CA GLY E 188 18.78 25.25 -7.79
C GLY E 188 17.55 24.43 -8.07
N SER E 189 16.42 24.89 -7.57
CA SER E 189 15.16 24.18 -7.77
C SER E 189 14.39 24.92 -8.86
N PHE E 190 13.23 24.39 -9.23
CA PHE E 190 12.41 25.00 -10.25
C PHE E 190 11.69 26.23 -9.71
N ARG E 191 11.61 26.34 -8.38
CA ARG E 191 10.94 27.46 -7.74
C ARG E 191 9.53 27.69 -8.29
N SER E 192 8.84 26.59 -8.56
CA SER E 192 7.48 26.63 -9.08
C SER E 192 7.30 27.50 -10.32
N GLY E 193 8.36 27.56 -11.14
CA GLY E 193 8.30 28.32 -12.38
C GLY E 193 8.46 29.82 -12.28
N GLN E 194 8.78 30.32 -11.08
CA GLN E 194 8.93 31.75 -10.86
C GLN E 194 10.08 32.38 -11.64
N ARG E 195 10.98 31.56 -12.16
CA ARG E 195 12.14 32.05 -12.87
C ARG E 195 12.33 31.31 -14.20
N GLU E 196 11.26 30.69 -14.71
CA GLU E 196 11.36 29.91 -15.94
C GLU E 196 11.92 30.61 -17.17
N SER E 197 11.47 31.82 -17.44
N SER E 197 11.48 31.82 -17.45
CA SER E 197 11.95 32.56 -18.61
CA SER E 197 11.95 32.56 -18.61
C SER E 197 13.46 32.78 -18.55
C SER E 197 13.46 32.79 -18.55
N LYS E 198 13.96 33.15 -17.38
CA LYS E 198 15.40 33.40 -17.19
C LYS E 198 16.20 32.11 -17.33
N MET E 199 15.69 31.03 -16.76
CA MET E 199 16.37 29.75 -16.84
C MET E 199 16.47 29.28 -18.29
N VAL E 200 15.38 29.42 -19.04
CA VAL E 200 15.37 29.02 -20.45
C VAL E 200 16.29 29.93 -21.27
N GLU E 201 16.23 31.22 -20.99
CA GLU E 201 17.05 32.19 -21.72
C GLU E 201 18.54 31.92 -21.62
N PHE E 202 19.02 31.69 -20.40
CA PHE E 202 20.44 31.50 -20.17
C PHE E 202 21.00 30.07 -20.10
N LEU E 203 20.14 29.07 -19.95
CA LEU E 203 20.63 27.70 -19.83
C LEU E 203 20.23 26.72 -20.92
N PHE E 204 19.27 27.10 -21.75
CA PHE E 204 18.77 26.27 -22.83
C PHE E 204 19.19 26.77 -24.21
N ASP E 205 19.34 25.83 -25.15
CA ASP E 205 19.70 26.14 -26.53
C ASP E 205 20.92 27.06 -26.70
N THR E 206 21.93 26.88 -25.85
CA THR E 206 23.12 27.70 -25.90
C THR E 206 24.24 27.09 -26.75
N GLY E 207 24.14 25.78 -26.99
CA GLY E 207 25.17 25.11 -27.76
C GLY E 207 26.39 24.86 -26.90
N LEU E 208 26.31 25.24 -25.62
CA LEU E 208 27.41 25.07 -24.69
C LEU E 208 27.16 23.84 -23.81
N ASN E 209 28.20 23.39 -23.09
CA ASN E 209 28.05 22.24 -22.22
C ASN E 209 27.60 22.78 -20.87
N ILE E 210 26.29 22.74 -20.65
CA ILE E 210 25.70 23.29 -19.43
C ILE E 210 25.05 22.22 -18.55
N GLU E 211 25.24 22.37 -17.24
CA GLU E 211 24.63 21.44 -16.29
C GLU E 211 23.75 22.23 -15.32
N PHE E 212 22.59 21.69 -15.02
CA PHE E 212 21.64 22.29 -14.09
C PHE E 212 21.49 21.28 -12.97
N PHE E 213 22.11 21.53 -11.82
CA PHE E 213 21.98 20.59 -10.70
C PHE E 213 20.98 21.08 -9.68
N GLY E 214 20.46 20.16 -8.86
CA GLY E 214 19.48 20.53 -7.86
C GLY E 214 18.14 19.83 -8.08
N ASN E 215 17.10 20.35 -7.43
CA ASN E 215 15.76 19.81 -7.52
C ASN E 215 15.12 19.84 -8.91
N ALA E 216 15.41 20.88 -9.68
CA ALA E 216 14.83 21.05 -11.00
C ALA E 216 14.94 19.85 -11.94
N ARG E 217 13.89 19.64 -12.74
CA ARG E 217 13.86 18.55 -13.71
C ARG E 217 13.39 19.10 -15.06
N GLU E 218 13.91 18.51 -16.13
CA GLU E 218 13.58 18.93 -17.48
C GLU E 218 12.07 18.97 -17.76
N LYS E 219 11.34 17.96 -17.31
CA LYS E 219 9.91 17.94 -17.58
C LYS E 219 9.11 19.04 -16.91
N GLN E 220 9.73 19.82 -16.03
CA GLN E 220 9.01 20.91 -15.38
C GLN E 220 8.96 22.15 -16.29
N PHE E 221 9.85 22.19 -17.29
CA PHE E 221 9.90 23.32 -18.20
C PHE E 221 8.96 23.11 -19.39
N LYS E 222 7.70 23.46 -19.21
CA LYS E 222 6.70 23.27 -20.26
C LYS E 222 5.84 24.49 -20.55
N ASN E 223 6.22 25.66 -20.04
CA ASN E 223 5.45 26.86 -20.30
C ASN E 223 5.59 27.21 -21.79
N PRO E 224 4.47 27.24 -22.54
CA PRO E 224 4.52 27.57 -23.96
C PRO E 224 5.10 28.94 -24.31
N LYS E 225 5.17 29.82 -23.31
CA LYS E 225 5.72 31.16 -23.54
C LYS E 225 7.24 31.16 -23.63
N TYR E 226 7.86 30.11 -23.10
CA TYR E 226 9.32 30.01 -23.10
C TYR E 226 9.77 28.67 -23.67
N PRO E 227 9.52 28.45 -24.96
CA PRO E 227 9.90 27.21 -25.65
C PRO E 227 11.40 27.00 -25.79
N TRP E 228 11.78 25.75 -25.99
CA TRP E 228 13.18 25.38 -26.17
C TRP E 228 13.29 24.06 -26.93
N THR E 229 14.48 23.77 -27.42
CA THR E 229 14.72 22.54 -28.17
C THR E 229 15.75 21.68 -27.46
N LYS E 230 16.89 22.28 -27.12
CA LYS E 230 17.96 21.59 -26.42
C LYS E 230 18.09 22.07 -24.98
N ALA E 231 17.84 21.17 -24.03
CA ALA E 231 17.95 21.52 -22.62
C ALA E 231 19.34 21.22 -22.08
N PRO E 232 19.69 21.80 -20.93
CA PRO E 232 21.00 21.53 -20.35
C PRO E 232 20.87 20.14 -19.71
N VAL E 233 21.98 19.62 -19.19
CA VAL E 233 21.95 18.31 -18.54
C VAL E 233 21.50 18.50 -17.10
N PHE E 234 20.45 17.80 -16.69
CA PHE E 234 19.98 17.91 -15.32
C PHE E 234 20.55 16.79 -14.45
N THR E 235 21.15 17.18 -13.34
CA THR E 235 21.70 16.19 -12.42
C THR E 235 21.02 16.38 -11.07
N GLY E 236 21.11 15.39 -10.19
CA GLY E 236 20.44 15.49 -8.91
C GLY E 236 20.90 16.60 -7.98
N LYS E 237 20.21 16.70 -6.85
CA LYS E 237 20.56 17.72 -5.86
C LYS E 237 21.75 17.21 -5.05
N ILE E 238 22.50 18.14 -4.48
CA ILE E 238 23.65 17.78 -3.67
C ILE E 238 23.56 18.57 -2.37
N PRO E 239 24.32 18.17 -1.35
CA PRO E 239 24.29 18.88 -0.06
C PRO E 239 24.72 20.32 -0.22
N MET E 240 24.11 21.20 0.57
CA MET E 240 24.45 22.62 0.49
C MET E 240 25.92 22.86 0.74
N ASN E 241 26.54 22.06 1.61
CA ASN E 241 27.95 22.25 1.92
C ASN E 241 28.92 21.69 0.88
N MET E 242 28.40 21.32 -0.28
CA MET E 242 29.21 20.80 -1.37
C MET E 242 28.93 21.60 -2.65
N VAL E 243 28.14 22.68 -2.51
CA VAL E 243 27.77 23.51 -3.65
C VAL E 243 28.90 24.26 -4.35
N SER E 244 29.79 24.89 -3.58
CA SER E 244 30.89 25.62 -4.20
C SER E 244 31.82 24.67 -4.94
N GLU E 245 31.98 23.45 -4.43
CA GLU E 245 32.82 22.45 -5.09
C GLU E 245 32.18 22.11 -6.44
N LYS E 246 30.86 21.97 -6.44
CA LYS E 246 30.14 21.64 -7.68
C LYS E 246 30.26 22.79 -8.68
N ASN E 247 30.02 24.02 -8.23
CA ASN E 247 30.13 25.18 -9.12
C ASN E 247 31.51 25.24 -9.76
N SER E 248 32.54 24.90 -8.99
CA SER E 248 33.92 24.95 -9.48
C SER E 248 34.26 24.03 -10.66
N GLN E 249 33.37 23.09 -10.99
CA GLN E 249 33.64 22.20 -12.11
C GLN E 249 33.42 22.90 -13.45
N ALA E 250 32.83 24.09 -13.42
CA ALA E 250 32.53 24.82 -14.64
C ALA E 250 33.36 26.06 -14.87
N ILE E 251 33.46 26.46 -16.13
N ILE E 251 33.47 26.48 -16.13
CA ILE E 251 34.19 27.67 -16.50
CA ILE E 251 34.22 27.67 -16.46
C ILE E 251 33.49 28.87 -15.87
C ILE E 251 33.49 28.88 -15.87
N ALA E 252 32.16 28.87 -15.98
CA ALA E 252 31.35 29.96 -15.45
C ALA E 252 30.09 29.43 -14.77
N ALA E 253 29.53 30.24 -13.87
CA ALA E 253 28.30 29.87 -13.17
C ALA E 253 27.34 31.06 -13.27
N LEU E 254 26.08 30.75 -13.52
CA LEU E 254 25.06 31.77 -13.70
C LEU E 254 24.37 32.33 -12.48
N ILE E 255 24.17 33.65 -12.50
CA ILE E 255 23.45 34.33 -11.43
C ILE E 255 22.19 34.95 -12.04
N ILE E 256 21.03 34.46 -11.62
CA ILE E 256 19.74 34.98 -12.05
C ILE E 256 18.87 34.95 -10.80
N GLY E 257 17.73 35.63 -10.85
CA GLY E 257 16.84 35.65 -9.71
C GLY E 257 15.40 35.88 -10.10
N ASP E 258 14.51 35.84 -9.12
CA ASP E 258 13.09 36.09 -9.34
C ASP E 258 12.99 37.57 -9.68
N LYS E 259 11.91 37.98 -10.33
CA LYS E 259 11.74 39.40 -10.70
C LYS E 259 11.91 40.33 -9.50
N ASN E 260 11.32 39.97 -8.37
CA ASN E 260 11.41 40.81 -7.17
C ASN E 260 12.77 40.83 -6.50
N TYR E 261 13.70 40.03 -7.01
CA TYR E 261 15.05 40.00 -6.45
C TYR E 261 15.92 41.04 -7.14
N ASN E 262 15.53 41.43 -8.35
CA ASN E 262 16.32 42.39 -9.11
C ASN E 262 16.62 43.67 -8.33
N ASP E 263 17.91 44.01 -8.27
CA ASP E 263 18.38 45.19 -7.55
C ASP E 263 17.79 45.23 -6.13
N ASN E 264 17.51 44.06 -5.58
CA ASN E 264 16.90 43.99 -4.27
C ASN E 264 17.57 42.97 -3.34
N PHE E 265 17.55 41.71 -3.75
CA PHE E 265 18.15 40.63 -2.97
C PHE E 265 19.54 40.26 -3.47
N ILE E 266 20.43 39.94 -2.54
CA ILE E 266 21.72 39.39 -2.91
C ILE E 266 21.44 38.01 -2.35
N THR E 267 21.56 36.99 -3.19
CA THR E 267 21.26 35.63 -2.77
C THR E 267 22.50 34.81 -2.42
N LEU E 268 22.27 33.68 -1.74
CA LEU E 268 23.36 32.80 -1.35
C LEU E 268 24.22 32.42 -2.55
N ARG E 269 23.59 32.11 -3.68
CA ARG E 269 24.35 31.70 -4.86
C ARG E 269 25.37 32.75 -5.29
N VAL E 270 25.10 34.02 -5.02
CA VAL E 270 26.04 35.07 -5.37
C VAL E 270 27.36 34.76 -4.65
N TRP E 271 27.29 34.47 -3.36
CA TRP E 271 28.49 34.16 -2.57
C TRP E 271 29.05 32.77 -2.90
N GLU E 272 28.18 31.78 -3.09
CA GLU E 272 28.62 30.42 -3.42
C GLU E 272 29.34 30.39 -4.77
N THR E 273 28.92 31.27 -5.66
CA THR E 273 29.52 31.34 -6.99
C THR E 273 30.78 32.19 -6.95
N MET E 274 30.68 33.36 -6.32
CA MET E 274 31.81 34.26 -6.22
C MET E 274 33.02 33.58 -5.56
N ALA E 275 32.77 32.75 -4.55
CA ALA E 275 33.85 32.07 -3.85
C ALA E 275 34.35 30.81 -4.58
N SER E 276 33.61 30.37 -5.59
CA SER E 276 34.00 29.17 -6.32
C SER E 276 35.07 29.43 -7.36
N ASP E 277 35.50 28.36 -8.03
CA ASP E 277 36.52 28.46 -9.08
C ASP E 277 35.87 28.78 -10.42
N ALA E 278 34.56 29.03 -10.42
CA ALA E 278 33.86 29.37 -11.66
C ALA E 278 33.63 30.88 -11.74
N VAL E 279 33.83 31.46 -12.92
CA VAL E 279 33.63 32.89 -13.10
C VAL E 279 32.14 33.17 -12.98
N MET E 280 31.81 34.16 -12.17
CA MET E 280 30.43 34.53 -11.94
C MET E 280 29.90 35.40 -13.10
N LEU E 281 28.85 34.93 -13.77
CA LEU E 281 28.24 35.68 -14.85
C LEU E 281 26.83 36.02 -14.40
N ILE E 282 26.58 37.32 -14.29
CA ILE E 282 25.33 37.84 -13.76
C ILE E 282 24.40 38.49 -14.78
N ASP E 283 23.13 38.13 -14.72
CA ASP E 283 22.10 38.70 -15.59
C ASP E 283 22.05 40.19 -15.23
N GLU E 284 22.26 41.03 -16.23
CA GLU E 284 22.23 42.48 -16.06
C GLU E 284 21.00 42.97 -15.29
N GLU E 285 19.85 42.37 -15.60
CA GLU E 285 18.59 42.76 -14.97
C GLU E 285 18.57 42.54 -13.46
N PHE E 286 19.36 41.57 -13.01
CA PHE E 286 19.43 41.22 -11.58
C PHE E 286 20.19 42.25 -10.77
N ASP E 287 21.12 42.95 -11.41
CA ASP E 287 21.96 43.93 -10.72
C ASP E 287 22.38 45.01 -11.72
N THR E 288 21.41 45.84 -12.12
CA THR E 288 21.63 46.89 -13.12
C THR E 288 22.67 47.96 -12.77
N LYS E 289 22.93 48.15 -11.48
CA LYS E 289 23.92 49.14 -11.07
C LYS E 289 25.29 48.49 -10.86
N HIS E 290 25.38 47.19 -11.13
CA HIS E 290 26.63 46.46 -10.97
C HIS E 290 27.21 46.64 -9.57
N ARG E 291 26.36 46.48 -8.55
CA ARG E 291 26.81 46.64 -7.18
C ARG E 291 27.57 45.43 -6.66
N ILE E 292 27.38 44.28 -7.30
CA ILE E 292 28.08 43.07 -6.89
C ILE E 292 29.56 43.19 -7.26
N ILE E 293 29.82 43.58 -8.49
N ILE E 293 29.82 43.58 -8.49
CA ILE E 293 31.17 43.77 -8.98
CA ILE E 293 31.17 43.77 -8.99
C ILE E 293 31.16 44.88 -10.03
C ILE E 293 31.16 44.89 -10.04
N ASN E 294 31.90 45.95 -9.77
CA ASN E 294 31.95 47.08 -10.71
C ASN E 294 32.85 46.80 -11.90
N ASP E 295 32.49 45.79 -12.68
CA ASP E 295 33.23 45.39 -13.87
C ASP E 295 32.20 44.79 -14.82
N ALA E 296 31.94 45.47 -15.94
CA ALA E 296 30.94 45.02 -16.90
C ALA E 296 31.15 43.63 -17.48
N ARG E 297 32.38 43.13 -17.45
CA ARG E 297 32.66 41.81 -18.00
C ARG E 297 31.96 40.68 -17.27
N PHE E 298 31.49 40.93 -16.04
CA PHE E 298 30.79 39.91 -15.28
C PHE E 298 29.28 39.90 -15.53
N TYR E 299 28.82 40.76 -16.43
CA TYR E 299 27.39 40.86 -16.71
C TYR E 299 26.97 40.53 -18.14
N VAL E 300 25.82 39.87 -18.26
CA VAL E 300 25.28 39.49 -19.55
C VAL E 300 23.79 39.86 -19.63
N ASN E 301 23.38 40.38 -20.77
CA ASN E 301 21.99 40.81 -20.97
C ASN E 301 21.05 39.74 -21.50
N ASN E 302 21.59 38.82 -22.30
CA ASN E 302 20.78 37.77 -22.89
C ASN E 302 21.58 36.54 -23.25
N ARG E 303 20.92 35.58 -23.88
CA ARG E 303 21.56 34.33 -24.27
C ARG E 303 22.80 34.53 -25.14
N ALA E 304 22.68 35.36 -26.17
CA ALA E 304 23.79 35.62 -27.08
C ALA E 304 25.02 36.17 -26.34
N GLU E 305 24.80 37.13 -25.45
CA GLU E 305 25.93 37.69 -24.72
C GLU E 305 26.56 36.65 -23.80
N LEU E 306 25.75 35.78 -23.21
CA LEU E 306 26.30 34.74 -22.34
C LEU E 306 27.18 33.79 -23.16
N ILE E 307 26.66 33.35 -24.30
CA ILE E 307 27.42 32.44 -25.15
C ILE E 307 28.75 33.06 -25.56
N ASP E 308 28.71 34.33 -25.97
CA ASP E 308 29.92 35.02 -26.38
C ASP E 308 30.92 35.20 -25.23
N ARG E 309 30.41 35.51 -24.04
CA ARG E 309 31.26 35.71 -22.87
C ARG E 309 31.94 34.38 -22.52
N VAL E 310 31.17 33.30 -22.53
CA VAL E 310 31.73 31.99 -22.20
C VAL E 310 32.76 31.60 -23.27
N ASN E 311 32.47 31.89 -24.54
CA ASN E 311 33.42 31.57 -25.59
C ASN E 311 34.73 32.30 -25.34
N GLU E 312 34.63 33.55 -24.89
CA GLU E 312 35.82 34.34 -24.63
C GLU E 312 36.62 33.75 -23.48
N LEU E 313 35.90 33.26 -22.46
CA LEU E 313 36.55 32.64 -21.31
C LEU E 313 37.23 31.33 -21.67
N LYS E 314 36.60 30.54 -22.54
CA LYS E 314 37.16 29.26 -22.98
C LYS E 314 38.41 29.51 -23.84
N HIS E 315 38.39 30.62 -24.57
CA HIS E 315 39.50 30.96 -25.45
C HIS E 315 40.70 31.57 -24.72
N SER E 316 40.43 32.35 -23.68
CA SER E 316 41.51 32.98 -22.93
C SER E 316 41.55 32.59 -21.45
N ASP E 317 42.46 31.67 -21.12
CA ASP E 317 42.63 31.22 -19.76
C ASP E 317 43.12 32.39 -18.93
N VAL E 318 43.82 33.32 -19.58
CA VAL E 318 44.33 34.50 -18.90
C VAL E 318 43.17 35.37 -18.43
N LEU E 319 42.18 35.58 -19.29
CA LEU E 319 41.02 36.38 -18.93
C LEU E 319 40.25 35.70 -17.80
N ARG E 320 40.08 34.38 -17.94
CA ARG E 320 39.35 33.60 -16.94
C ARG E 320 39.98 33.77 -15.57
N LYS E 321 41.31 33.63 -15.51
CA LYS E 321 42.03 33.75 -14.24
C LYS E 321 41.99 35.18 -13.72
N GLU E 322 42.04 36.16 -14.63
CA GLU E 322 41.99 37.55 -14.20
C GLU E 322 40.65 37.83 -13.54
N MET E 323 39.57 37.38 -14.16
CA MET E 323 38.24 37.61 -13.60
C MET E 323 38.03 36.88 -12.27
N LEU E 324 38.56 35.66 -12.16
CA LEU E 324 38.44 34.92 -10.92
C LEU E 324 39.17 35.68 -9.81
N SER E 325 40.34 36.21 -10.12
N SER E 325 40.34 36.22 -10.12
CA SER E 325 41.10 36.96 -9.13
CA SER E 325 41.11 36.96 -9.13
C SER E 325 40.31 38.17 -8.68
C SER E 325 40.31 38.18 -8.67
N ILE E 326 39.67 38.85 -9.62
CA ILE E 326 38.86 40.02 -9.32
C ILE E 326 37.67 39.69 -8.42
N GLN E 327 36.89 38.66 -8.76
CA GLN E 327 35.74 38.33 -7.94
C GLN E 327 36.16 37.80 -6.57
N HIS E 328 37.32 37.13 -6.49
CA HIS E 328 37.79 36.64 -5.21
C HIS E 328 38.19 37.81 -4.30
N ASP E 329 38.84 38.81 -4.87
CA ASP E 329 39.24 39.97 -4.07
C ASP E 329 38.01 40.73 -3.58
N ILE E 330 37.02 40.88 -4.45
CA ILE E 330 35.80 41.59 -4.08
C ILE E 330 35.11 40.85 -2.94
N LEU E 331 35.09 39.52 -3.02
CA LEU E 331 34.45 38.73 -1.97
C LEU E 331 35.15 39.01 -0.64
N ASN E 332 36.48 38.97 -0.65
CA ASN E 332 37.25 39.22 0.56
C ASN E 332 37.06 40.63 1.11
N LYS E 333 36.68 41.56 0.25
CA LYS E 333 36.44 42.93 0.68
C LYS E 333 35.24 42.90 1.62
N THR E 334 34.24 42.09 1.29
CA THR E 334 33.05 42.00 2.15
C THR E 334 33.37 41.18 3.40
N ARG E 335 34.21 40.15 3.26
CA ARG E 335 34.57 39.33 4.41
C ARG E 335 35.28 40.19 5.45
N ALA E 336 35.99 41.21 4.97
CA ALA E 336 36.73 42.10 5.85
C ALA E 336 35.81 42.83 6.83
N LYS E 337 34.57 43.07 6.41
CA LYS E 337 33.59 43.77 7.24
C LYS E 337 32.75 42.84 8.13
N LYS E 338 33.28 41.67 8.44
N LYS E 338 33.29 41.68 8.44
CA LYS E 338 32.55 40.71 9.27
CA LYS E 338 32.57 40.70 9.27
C LYS E 338 32.01 41.29 10.57
C LYS E 338 32.03 41.28 10.58
N ALA E 339 32.87 41.98 11.31
CA ALA E 339 32.46 42.57 12.59
C ALA E 339 31.26 43.49 12.41
N GLU E 340 31.28 44.26 11.33
CA GLU E 340 30.20 45.19 11.01
C GLU E 340 28.90 44.41 10.75
N TRP E 341 29.04 43.31 10.02
CA TRP E 341 27.91 42.45 9.68
C TRP E 341 27.33 41.84 10.96
N GLN E 342 28.20 41.31 11.81
CA GLN E 342 27.76 40.71 13.06
C GLN E 342 27.01 41.72 13.92
N ASP E 343 27.56 42.93 14.03
CA ASP E 343 26.92 43.98 14.82
C ASP E 343 25.56 44.37 14.27
N ALA E 344 25.44 44.39 12.94
CA ALA E 344 24.17 44.74 12.32
C ALA E 344 23.15 43.65 12.59
N PHE E 345 23.59 42.39 12.66
CA PHE E 345 22.66 41.31 12.94
C PHE E 345 22.15 41.43 14.37
N LYS E 346 23.07 41.63 15.30
CA LYS E 346 22.71 41.76 16.70
C LYS E 346 21.71 42.91 16.88
N LYS E 347 21.93 44.01 16.16
CA LYS E 347 21.02 45.14 16.26
C LYS E 347 19.66 44.77 15.68
N ALA E 348 19.67 43.93 14.64
CA ALA E 348 18.42 43.51 14.00
C ALA E 348 17.58 42.66 14.95
N ILE E 349 18.21 41.91 15.85
CA ILE E 349 17.45 41.10 16.79
C ILE E 349 17.44 41.77 18.17
N ASP E 350 17.51 43.10 18.15
CA ASP E 350 17.46 43.92 19.36
C ASP E 350 18.48 43.62 20.45
N LEU E 351 19.73 43.38 20.05
CA LEU E 351 20.80 43.11 20.98
C LEU E 351 21.87 44.19 20.83
N MET F 1 -40.15 -38.18 -17.34
CA MET F 1 -39.21 -38.20 -16.18
C MET F 1 -38.91 -36.78 -15.68
N LYS F 2 -39.45 -36.45 -14.52
CA LYS F 2 -39.26 -35.12 -13.94
C LYS F 2 -38.59 -35.30 -12.58
N ILE F 3 -37.45 -34.65 -12.40
CA ILE F 3 -36.71 -34.77 -11.16
C ILE F 3 -36.74 -33.50 -10.31
N ALA F 4 -36.81 -33.68 -9.00
CA ALA F 4 -36.79 -32.55 -8.08
C ALA F 4 -35.58 -32.72 -7.19
N ILE F 5 -34.86 -31.63 -6.94
CA ILE F 5 -33.71 -31.68 -6.07
C ILE F 5 -33.87 -30.55 -5.07
N ILE F 6 -33.60 -30.82 -3.81
CA ILE F 6 -33.73 -29.82 -2.77
C ILE F 6 -32.59 -29.97 -1.77
N ASN F 7 -32.33 -28.90 -1.04
CA ASN F 7 -31.33 -28.96 0.01
C ASN F 7 -32.18 -29.13 1.26
N MET F 8 -31.83 -30.11 2.11
CA MET F 8 -32.64 -30.38 3.27
C MET F 8 -32.63 -29.37 4.42
N GLY F 9 -31.65 -28.47 4.45
CA GLY F 9 -31.62 -27.53 5.55
C GLY F 9 -31.04 -26.16 5.26
N ASN F 10 -30.92 -25.80 3.98
CA ASN F 10 -30.36 -24.50 3.62
C ASN F 10 -31.11 -23.86 2.46
N ASN F 11 -31.35 -22.56 2.55
CA ASN F 11 -32.04 -21.87 1.47
C ASN F 11 -31.12 -21.88 0.25
N VAL F 12 -31.70 -21.99 -0.94
CA VAL F 12 -30.92 -22.01 -2.17
C VAL F 12 -31.25 -20.77 -2.99
N ILE F 13 -30.24 -19.96 -3.28
CA ILE F 13 -30.45 -18.76 -4.07
C ILE F 13 -29.38 -18.56 -5.15
N ASN F 14 -28.13 -18.38 -4.71
CA ASN F 14 -27.02 -18.14 -5.63
C ASN F 14 -25.75 -18.83 -5.14
N PHE F 15 -24.61 -18.35 -5.60
CA PHE F 15 -23.34 -18.95 -5.20
C PHE F 15 -22.64 -18.27 -4.03
N LYS F 16 -23.39 -17.46 -3.29
CA LYS F 16 -22.86 -16.75 -2.13
C LYS F 16 -22.58 -17.68 -0.93
N THR F 17 -23.32 -18.79 -0.86
CA THR F 17 -23.13 -19.74 0.22
C THR F 17 -22.80 -21.11 -0.34
N VAL F 18 -22.03 -21.89 0.41
CA VAL F 18 -21.64 -23.21 -0.04
C VAL F 18 -22.81 -24.18 -0.25
N PRO F 19 -23.75 -24.27 0.73
CA PRO F 19 -24.86 -25.20 0.52
C PRO F 19 -25.67 -24.87 -0.73
N SER F 20 -25.88 -23.57 -0.97
CA SER F 20 -26.63 -23.13 -2.14
C SER F 20 -25.86 -23.49 -3.40
N SER F 21 -24.57 -23.15 -3.42
CA SER F 21 -23.71 -23.44 -4.57
C SER F 21 -23.74 -24.93 -4.94
N GLU F 22 -23.54 -25.79 -3.95
CA GLU F 22 -23.53 -27.23 -4.19
C GLU F 22 -24.84 -27.70 -4.81
N THR F 23 -25.95 -27.19 -4.29
CA THR F 23 -27.26 -27.60 -4.79
C THR F 23 -27.43 -27.16 -6.24
N ILE F 24 -27.01 -25.93 -6.55
CA ILE F 24 -27.13 -25.43 -7.92
C ILE F 24 -26.19 -26.19 -8.86
N TYR F 25 -24.98 -26.51 -8.40
CA TYR F 25 -24.05 -27.26 -9.24
C TYR F 25 -24.64 -28.63 -9.56
N LEU F 26 -25.25 -29.26 -8.57
CA LEU F 26 -25.85 -30.58 -8.79
C LEU F 26 -27.00 -30.46 -9.79
N PHE F 27 -27.81 -29.41 -9.63
CA PHE F 27 -28.91 -29.14 -10.54
C PHE F 27 -28.37 -29.01 -11.97
N LYS F 28 -27.28 -28.25 -12.12
CA LYS F 28 -26.68 -28.06 -13.43
C LYS F 28 -26.10 -29.33 -14.03
N VAL F 29 -25.35 -30.08 -13.25
CA VAL F 29 -24.73 -31.30 -13.77
C VAL F 29 -25.78 -32.33 -14.15
N ILE F 30 -26.86 -32.39 -13.40
CA ILE F 30 -27.95 -33.33 -13.70
C ILE F 30 -28.64 -32.86 -14.98
N SER F 31 -28.88 -31.56 -15.10
CA SER F 31 -29.52 -31.01 -16.29
C SER F 31 -28.64 -31.31 -17.52
N GLU F 32 -27.33 -31.24 -17.33
CA GLU F 32 -26.39 -31.46 -18.42
C GLU F 32 -26.27 -32.90 -18.88
N MET F 33 -26.80 -33.85 -18.11
CA MET F 33 -26.75 -35.23 -18.57
C MET F 33 -28.09 -35.55 -19.24
N GLY F 34 -28.82 -34.49 -19.59
CA GLY F 34 -30.08 -34.61 -20.30
C GLY F 34 -31.34 -34.87 -19.50
N LEU F 35 -31.29 -34.64 -18.20
CA LEU F 35 -32.46 -34.87 -17.35
C LEU F 35 -33.21 -33.59 -17.04
N ASN F 36 -34.53 -33.71 -16.91
CA ASN F 36 -35.40 -32.58 -16.60
C ASN F 36 -35.49 -32.48 -15.08
N VAL F 37 -34.81 -31.48 -14.52
CA VAL F 37 -34.80 -31.31 -13.07
C VAL F 37 -35.10 -29.88 -12.63
N ASP F 38 -35.75 -29.76 -11.48
CA ASP F 38 -36.07 -28.46 -10.89
C ASP F 38 -35.49 -28.43 -9.49
N ILE F 39 -35.02 -27.26 -9.05
CA ILE F 39 -34.54 -27.15 -7.69
C ILE F 39 -35.77 -26.57 -6.99
N ILE F 40 -36.16 -27.12 -5.86
CA ILE F 40 -37.31 -26.59 -5.13
C ILE F 40 -36.75 -25.99 -3.85
N SER F 41 -37.05 -24.72 -3.60
CA SER F 41 -36.57 -24.06 -2.39
C SER F 41 -37.67 -23.19 -1.79
N LEU F 42 -37.29 -22.31 -0.87
CA LEU F 42 -38.25 -21.45 -0.20
C LEU F 42 -39.04 -20.54 -1.14
N LYS F 43 -38.33 -19.93 -2.08
CA LYS F 43 -38.98 -19.01 -3.02
C LYS F 43 -38.59 -19.28 -4.47
N ASN F 44 -39.39 -18.74 -5.38
CA ASN F 44 -39.11 -18.87 -6.80
C ASN F 44 -37.91 -17.96 -7.03
N GLY F 45 -36.99 -18.41 -7.87
CA GLY F 45 -35.81 -17.59 -8.14
C GLY F 45 -35.12 -17.96 -9.44
N VAL F 46 -33.94 -17.41 -9.66
CA VAL F 46 -33.18 -17.68 -10.88
C VAL F 46 -33.02 -19.17 -11.15
N TYR F 47 -32.72 -19.93 -10.10
CA TYR F 47 -32.50 -21.38 -10.24
C TYR F 47 -33.53 -22.22 -9.52
N THR F 48 -34.53 -21.59 -8.90
CA THR F 48 -35.49 -22.36 -8.11
C THR F 48 -36.98 -22.09 -8.29
N LYS F 49 -37.77 -23.05 -7.84
CA LYS F 49 -39.23 -22.97 -7.81
C LYS F 49 -39.52 -23.05 -6.32
N SER F 50 -40.66 -22.53 -5.88
CA SER F 50 -40.98 -22.57 -4.45
C SER F 50 -41.71 -23.84 -4.03
N PHE F 51 -41.54 -24.24 -2.78
CA PHE F 51 -42.22 -25.41 -2.25
C PHE F 51 -43.72 -25.22 -2.41
N ASP F 52 -44.17 -23.97 -2.25
CA ASP F 52 -45.59 -23.63 -2.36
C ASP F 52 -46.20 -23.70 -3.75
N GLU F 53 -45.41 -23.48 -4.79
CA GLU F 53 -45.93 -23.48 -6.14
C GLU F 53 -45.88 -24.82 -6.87
N VAL F 54 -45.27 -25.83 -6.26
CA VAL F 54 -45.19 -27.14 -6.90
C VAL F 54 -45.90 -28.23 -6.14
N ASP F 55 -46.14 -29.35 -6.82
CA ASP F 55 -46.80 -30.48 -6.21
C ASP F 55 -45.86 -31.67 -6.22
N VAL F 56 -45.82 -32.39 -5.11
CA VAL F 56 -44.96 -33.56 -4.97
C VAL F 56 -45.14 -34.63 -6.04
N ASN F 57 -46.37 -35.11 -6.23
CA ASN F 57 -46.62 -36.15 -7.22
C ASN F 57 -46.31 -35.75 -8.65
N ASP F 58 -45.86 -34.51 -8.86
CA ASP F 58 -45.51 -34.05 -10.20
C ASP F 58 -44.07 -34.42 -10.55
N TYR F 59 -43.38 -35.03 -9.59
CA TYR F 59 -42.00 -35.44 -9.79
C TYR F 59 -41.90 -36.95 -9.66
N ASP F 60 -40.98 -37.53 -10.42
CA ASP F 60 -40.77 -38.98 -10.43
C ASP F 60 -39.60 -39.42 -9.56
N ARG F 61 -38.73 -38.47 -9.23
CA ARG F 61 -37.58 -38.75 -8.39
C ARG F 61 -37.34 -37.54 -7.51
N LEU F 62 -37.06 -37.77 -6.23
CA LEU F 62 -36.77 -36.66 -5.33
C LEU F 62 -35.35 -36.87 -4.80
N ILE F 63 -34.48 -35.92 -5.11
CA ILE F 63 -33.09 -35.98 -4.68
C ILE F 63 -32.91 -34.93 -3.60
N VAL F 64 -32.25 -35.31 -2.51
CA VAL F 64 -32.05 -34.40 -1.40
C VAL F 64 -30.58 -34.27 -1.00
N VAL F 65 -30.08 -33.04 -1.02
CA VAL F 65 -28.70 -32.78 -0.64
C VAL F 65 -28.65 -32.79 0.88
N ASN F 66 -27.69 -33.53 1.45
CA ASN F 66 -27.61 -33.62 2.90
C ASN F 66 -27.39 -32.28 3.58
N SER F 67 -27.86 -32.18 4.81
N SER F 67 -27.83 -32.20 4.83
CA SER F 67 -27.73 -30.96 5.58
CA SER F 67 -27.67 -30.98 5.60
C SER F 67 -28.02 -31.22 7.05
C SER F 67 -27.93 -31.28 7.06
N SER F 68 -27.51 -30.36 7.92
CA SER F 68 -27.74 -30.48 9.35
C SER F 68 -29.19 -30.02 9.51
N ILE F 69 -29.85 -30.44 10.58
CA ILE F 69 -31.23 -29.99 10.80
C ILE F 69 -31.32 -29.39 12.20
N ASN F 70 -30.19 -28.85 12.67
CA ASN F 70 -30.12 -28.24 13.98
C ASN F 70 -30.87 -26.91 13.98
N PHE F 71 -31.78 -26.74 14.94
CA PHE F 71 -32.54 -25.49 15.03
C PHE F 71 -31.79 -24.56 15.98
N PHE F 72 -30.84 -23.81 15.44
CA PHE F 72 -30.05 -22.89 16.26
C PHE F 72 -30.93 -21.88 16.98
N GLY F 73 -30.59 -21.62 18.24
CA GLY F 73 -31.35 -20.68 19.04
C GLY F 73 -32.69 -21.28 19.44
N GLY F 74 -32.90 -22.54 19.08
CA GLY F 74 -34.15 -23.20 19.39
C GLY F 74 -35.29 -22.57 18.62
N LYS F 75 -34.96 -21.87 17.54
CA LYS F 75 -35.95 -21.19 16.71
C LYS F 75 -36.28 -21.98 15.45
N PRO F 76 -37.45 -21.73 14.86
CA PRO F 76 -37.83 -22.45 13.64
C PRO F 76 -36.87 -22.06 12.52
N ASN F 77 -36.60 -23.00 11.63
CA ASN F 77 -35.74 -22.76 10.48
C ASN F 77 -36.60 -23.28 9.33
N LEU F 78 -37.14 -22.37 8.53
CA LEU F 78 -38.01 -22.76 7.43
C LEU F 78 -37.34 -23.58 6.34
N ALA F 79 -36.03 -23.41 6.14
CA ALA F 79 -35.33 -24.19 5.13
C ALA F 79 -35.40 -25.68 5.51
N ILE F 80 -35.26 -25.97 6.80
CA ILE F 80 -35.32 -27.34 7.30
C ILE F 80 -36.77 -27.83 7.31
N LEU F 81 -37.63 -27.04 7.94
CA LEU F 81 -39.04 -27.40 8.07
C LEU F 81 -39.78 -27.57 6.76
N SER F 82 -39.61 -26.63 5.84
CA SER F 82 -40.28 -26.72 4.54
C SER F 82 -39.76 -27.88 3.70
N ALA F 83 -38.48 -28.18 3.82
CA ALA F 83 -37.88 -29.28 3.05
C ALA F 83 -38.38 -30.62 3.54
N GLN F 84 -38.42 -30.82 4.85
CA GLN F 84 -38.87 -32.09 5.38
C GLN F 84 -40.38 -32.25 5.21
N LYS F 85 -41.09 -31.14 5.17
CA LYS F 85 -42.53 -31.17 4.95
C LYS F 85 -42.75 -31.65 3.51
N PHE F 86 -41.90 -31.18 2.62
CA PHE F 86 -41.96 -31.57 1.20
C PHE F 86 -41.63 -33.06 1.09
N MET F 87 -40.59 -33.48 1.79
CA MET F 87 -40.14 -34.87 1.78
C MET F 87 -41.19 -35.83 2.34
N ALA F 88 -41.84 -35.43 3.43
CA ALA F 88 -42.86 -36.27 4.05
C ALA F 88 -44.08 -36.41 3.14
N LYS F 89 -44.28 -35.41 2.28
CA LYS F 89 -45.41 -35.40 1.36
C LYS F 89 -45.11 -36.29 0.14
N TYR F 90 -43.83 -36.44 -0.17
CA TYR F 90 -43.40 -37.27 -1.31
C TYR F 90 -43.60 -38.73 -0.96
N LYS F 91 -44.33 -39.46 -1.81
CA LYS F 91 -44.63 -40.86 -1.54
C LYS F 91 -43.76 -41.93 -2.17
N SER F 92 -42.73 -41.53 -2.91
CA SER F 92 -41.86 -42.53 -3.52
C SER F 92 -40.49 -42.49 -2.84
N LYS F 93 -39.57 -43.31 -3.32
CA LYS F 93 -38.24 -43.37 -2.75
C LYS F 93 -37.51 -42.04 -2.83
N ILE F 94 -36.79 -41.71 -1.77
CA ILE F 94 -36.02 -40.48 -1.72
C ILE F 94 -34.55 -40.81 -1.80
N TYR F 95 -33.82 -40.06 -2.63
CA TYR F 95 -32.40 -40.26 -2.83
C TYR F 95 -31.64 -39.19 -2.08
N TYR F 96 -30.98 -39.60 -1.00
CA TYR F 96 -30.25 -38.69 -0.13
C TYR F 96 -28.76 -38.64 -0.50
N LEU F 97 -28.30 -37.48 -0.95
CA LEU F 97 -26.90 -37.31 -1.33
C LEU F 97 -26.07 -37.07 -0.08
N PHE F 98 -25.30 -38.08 0.31
CA PHE F 98 -24.47 -38.05 1.49
C PHE F 98 -23.04 -37.66 1.11
N THR F 99 -22.78 -36.35 1.08
CA THR F 99 -21.47 -35.82 0.70
C THR F 99 -20.60 -35.43 1.89
N ASP F 100 -21.21 -35.31 3.07
CA ASP F 100 -20.49 -34.91 4.27
C ASP F 100 -20.85 -35.89 5.39
N ILE F 101 -19.84 -36.60 5.90
CA ILE F 101 -20.04 -37.61 6.96
C ILE F 101 -20.80 -37.09 8.18
N ARG F 102 -20.69 -35.79 8.45
CA ARG F 102 -21.36 -35.21 9.62
C ARG F 102 -22.86 -34.97 9.40
N LEU F 103 -23.33 -35.14 8.17
CA LEU F 103 -24.73 -34.84 7.84
C LEU F 103 -25.63 -35.98 7.41
N PRO F 104 -25.71 -37.06 8.20
CA PRO F 104 -26.58 -38.17 7.79
C PRO F 104 -28.04 -37.75 7.88
N PHE F 105 -28.91 -38.41 7.14
CA PHE F 105 -30.32 -38.08 7.20
C PHE F 105 -30.83 -38.28 8.63
N SER F 106 -31.71 -37.40 9.07
CA SER F 106 -32.31 -37.48 10.40
C SER F 106 -33.68 -36.81 10.39
N GLN F 107 -34.55 -37.24 11.29
CA GLN F 107 -35.91 -36.70 11.37
C GLN F 107 -35.95 -35.46 12.27
N SER F 108 -36.65 -34.43 11.82
CA SER F 108 -36.77 -33.20 12.59
C SER F 108 -37.91 -33.27 13.62
N TRP F 109 -38.94 -34.06 13.34
CA TRP F 109 -40.08 -34.14 14.24
C TRP F 109 -39.72 -34.43 15.70
N PRO F 110 -38.89 -35.45 15.96
CA PRO F 110 -38.52 -35.76 17.34
C PRO F 110 -38.02 -34.54 18.11
N ASN F 111 -37.39 -33.61 17.39
CA ASN F 111 -36.87 -32.41 18.02
C ASN F 111 -37.98 -31.37 18.12
N VAL F 112 -38.66 -31.11 17.01
CA VAL F 112 -39.74 -30.14 16.95
C VAL F 112 -40.86 -30.34 17.98
N LYS F 113 -41.35 -31.57 18.11
CA LYS F 113 -42.44 -31.88 19.04
C LYS F 113 -42.32 -31.30 20.44
N ASN F 114 -41.10 -31.06 20.91
CA ASN F 114 -40.90 -30.51 22.24
C ASN F 114 -40.50 -29.04 22.26
N ARG F 115 -40.68 -28.36 21.13
CA ARG F 115 -40.35 -26.94 21.02
C ARG F 115 -41.59 -26.12 21.37
N PRO F 116 -41.39 -24.88 21.83
CA PRO F 116 -42.56 -24.06 22.16
C PRO F 116 -43.38 -23.73 20.91
N TRP F 117 -42.78 -23.90 19.74
CA TRP F 117 -43.49 -23.64 18.48
C TRP F 117 -43.95 -24.94 17.82
N ALA F 118 -44.03 -26.00 18.62
CA ALA F 118 -44.47 -27.29 18.11
C ALA F 118 -45.87 -27.21 17.50
N TYR F 119 -46.69 -26.31 18.04
CA TYR F 119 -48.06 -26.16 17.56
C TYR F 119 -48.16 -25.81 16.09
N LEU F 120 -47.05 -25.33 15.52
CA LEU F 120 -47.03 -24.96 14.11
C LEU F 120 -47.00 -26.18 13.18
N TYR F 121 -46.59 -27.32 13.71
CA TYR F 121 -46.51 -28.53 12.91
C TYR F 121 -47.12 -29.76 13.57
N THR F 122 -47.27 -30.83 12.79
CA THR F 122 -47.80 -32.08 13.27
C THR F 122 -46.87 -33.20 12.85
N GLU F 123 -46.94 -34.33 13.54
CA GLU F 123 -46.09 -35.48 13.23
C GLU F 123 -46.34 -35.92 11.79
N GLU F 124 -47.61 -35.92 11.40
CA GLU F 124 -48.00 -36.32 10.07
C GLU F 124 -47.44 -35.38 9.00
N GLU F 125 -47.29 -34.11 9.37
CA GLU F 125 -46.77 -33.10 8.45
C GLU F 125 -45.26 -33.17 8.26
N LEU F 126 -44.53 -33.55 9.30
CA LEU F 126 -43.07 -33.59 9.24
C LEU F 126 -42.37 -34.95 9.26
N LEU F 127 -43.02 -35.98 9.80
CA LEU F 127 -42.39 -37.30 9.85
C LEU F 127 -42.28 -37.90 8.45
N ILE F 128 -41.04 -38.13 8.02
CA ILE F 128 -40.77 -38.68 6.70
C ILE F 128 -40.78 -40.21 6.74
N LYS F 129 -41.76 -40.82 6.08
CA LYS F 129 -41.87 -42.28 6.08
C LYS F 129 -41.47 -43.00 4.79
N SER F 130 -41.27 -42.26 3.70
CA SER F 130 -40.88 -42.91 2.45
C SER F 130 -39.53 -43.60 2.59
N PRO F 131 -39.29 -44.67 1.82
CA PRO F 131 -38.01 -45.37 1.92
C PRO F 131 -36.92 -44.44 1.40
N ILE F 132 -35.73 -44.55 1.95
CA ILE F 132 -34.64 -43.69 1.53
C ILE F 132 -33.43 -44.47 1.08
N LYS F 133 -32.83 -44.03 -0.03
CA LYS F 133 -31.61 -44.64 -0.53
C LYS F 133 -30.53 -43.60 -0.33
N VAL F 134 -29.48 -43.98 0.39
CA VAL F 134 -28.38 -43.07 0.64
C VAL F 134 -27.32 -43.27 -0.43
N ILE F 135 -27.01 -42.18 -1.14
CA ILE F 135 -25.97 -42.22 -2.15
C ILE F 135 -24.75 -41.64 -1.46
N SER F 136 -23.83 -42.54 -1.09
CA SER F 136 -22.63 -42.20 -0.36
C SER F 136 -21.43 -41.80 -1.22
N GLN F 137 -20.87 -40.63 -0.90
CA GLN F 137 -19.70 -40.14 -1.62
C GLN F 137 -18.50 -40.99 -1.19
N GLY F 138 -18.63 -41.64 -0.04
CA GLY F 138 -17.56 -42.48 0.46
C GLY F 138 -17.76 -43.89 -0.06
N ILE F 139 -16.67 -44.56 -0.43
CA ILE F 139 -16.78 -45.92 -0.96
C ILE F 139 -17.12 -46.94 0.13
N ASN F 140 -16.80 -46.62 1.38
CA ASN F 140 -17.08 -47.52 2.50
C ASN F 140 -18.53 -47.37 2.96
N LEU F 141 -19.39 -48.29 2.53
CA LEU F 141 -20.80 -48.21 2.90
C LEU F 141 -21.08 -48.60 4.35
N ASP F 142 -20.13 -49.26 5.00
CA ASP F 142 -20.33 -49.63 6.40
C ASP F 142 -20.30 -48.35 7.23
N ILE F 143 -19.42 -47.44 6.87
CA ILE F 143 -19.31 -46.17 7.57
C ILE F 143 -20.59 -45.36 7.32
N ALA F 144 -21.07 -45.39 6.07
CA ALA F 144 -22.28 -44.67 5.72
C ALA F 144 -23.48 -45.26 6.49
N LYS F 145 -23.54 -46.58 6.58
CA LYS F 145 -24.63 -47.25 7.28
C LYS F 145 -24.60 -46.91 8.77
N ALA F 146 -23.40 -46.94 9.36
CA ALA F 146 -23.24 -46.63 10.78
C ALA F 146 -23.68 -45.21 11.10
N ALA F 147 -23.43 -44.29 10.17
CA ALA F 147 -23.83 -42.90 10.35
C ALA F 147 -25.35 -42.77 10.36
N HIS F 148 -26.03 -43.75 9.77
CA HIS F 148 -27.49 -43.73 9.71
C HIS F 148 -28.10 -44.83 10.59
N LYS F 149 -27.36 -45.23 11.63
CA LYS F 149 -27.82 -46.29 12.53
C LYS F 149 -29.14 -46.03 13.24
N LYS F 150 -29.57 -44.77 13.31
CA LYS F 150 -30.82 -44.44 14.00
C LYS F 150 -32.04 -44.14 13.12
N VAL F 151 -31.87 -44.18 11.80
CA VAL F 151 -32.98 -43.94 10.89
C VAL F 151 -33.37 -45.23 10.17
N ASP F 152 -34.49 -45.80 10.59
CA ASP F 152 -35.01 -47.06 10.06
C ASP F 152 -35.46 -47.10 8.59
N ASN F 153 -36.03 -46.02 8.09
CA ASN F 153 -36.52 -46.03 6.71
C ASN F 153 -35.43 -45.90 5.64
N VAL F 154 -34.17 -45.89 6.07
CA VAL F 154 -33.05 -45.82 5.12
C VAL F 154 -32.73 -47.27 4.80
N ILE F 155 -33.33 -47.76 3.72
CA ILE F 155 -33.19 -49.16 3.30
C ILE F 155 -32.15 -49.50 2.24
N GLU F 156 -31.48 -48.51 1.67
CA GLU F 156 -30.50 -48.78 0.62
C GLU F 156 -29.30 -47.85 0.65
N PHE F 157 -28.13 -48.40 0.34
CA PHE F 157 -26.89 -47.63 0.33
C PHE F 157 -26.10 -47.95 -0.94
N GLU F 158 -25.64 -46.92 -1.62
CA GLU F 158 -24.84 -47.12 -2.83
C GLU F 158 -23.78 -46.05 -2.93
N TYR F 159 -22.57 -46.44 -3.32
CA TYR F 159 -21.48 -45.50 -3.47
C TYR F 159 -21.51 -44.85 -4.84
N PHE F 160 -21.23 -43.55 -4.87
CA PHE F 160 -21.14 -42.80 -6.11
C PHE F 160 -20.32 -41.56 -5.80
N PRO F 161 -19.27 -41.31 -6.62
CA PRO F 161 -18.39 -40.15 -6.43
C PRO F 161 -19.08 -38.86 -6.86
N ILE F 162 -20.02 -38.43 -6.02
CA ILE F 162 -20.80 -37.22 -6.28
C ILE F 162 -19.94 -36.00 -6.59
N GLU F 163 -18.90 -35.82 -5.79
CA GLU F 163 -18.02 -34.66 -5.90
C GLU F 163 -17.33 -34.44 -7.23
N GLN F 164 -17.36 -35.44 -8.12
CA GLN F 164 -16.74 -35.24 -9.42
C GLN F 164 -17.51 -34.27 -10.30
N TYR F 165 -18.69 -33.82 -9.84
CA TYR F 165 -19.44 -32.88 -10.67
C TYR F 165 -18.59 -31.65 -10.96
N LYS F 166 -17.65 -31.36 -10.06
CA LYS F 166 -16.76 -30.21 -10.23
C LYS F 166 -16.01 -30.28 -11.57
N ILE F 167 -15.52 -31.46 -11.94
CA ILE F 167 -14.78 -31.61 -13.18
C ILE F 167 -15.60 -31.98 -14.40
N HIS F 168 -16.83 -32.42 -14.21
CA HIS F 168 -17.67 -32.80 -15.34
C HIS F 168 -18.59 -31.69 -15.85
N MET F 169 -18.64 -30.56 -15.14
CA MET F 169 -19.49 -29.43 -15.56
C MET F 169 -19.05 -29.02 -16.97
N ASN F 170 -20.02 -28.66 -17.81
CA ASN F 170 -19.70 -28.25 -19.18
C ASN F 170 -18.79 -27.02 -19.25
N ASP F 171 -18.84 -26.17 -18.23
CA ASP F 171 -18.02 -24.95 -18.23
C ASP F 171 -16.67 -25.10 -17.55
N PHE F 172 -16.32 -26.32 -17.15
CA PHE F 172 -15.06 -26.55 -16.49
C PHE F 172 -13.81 -26.20 -17.29
N GLN F 173 -12.79 -25.74 -16.58
CA GLN F 173 -11.52 -25.46 -17.21
C GLN F 173 -10.43 -25.47 -16.15
N LEU F 174 -9.24 -25.88 -16.55
CA LEU F 174 -8.10 -25.92 -15.63
C LEU F 174 -7.65 -24.48 -15.42
N SER F 175 -7.10 -24.21 -14.24
CA SER F 175 -6.61 -22.88 -13.95
C SER F 175 -5.33 -22.64 -14.74
N LYS F 176 -5.07 -21.39 -15.07
CA LYS F 176 -3.88 -21.02 -15.84
C LYS F 176 -2.74 -20.59 -14.92
N PRO F 177 -1.51 -20.53 -15.46
CA PRO F 177 -0.37 -20.12 -14.64
C PRO F 177 -0.73 -18.81 -13.94
N THR F 178 -0.50 -18.76 -12.63
CA THR F 178 -0.87 -17.61 -11.82
C THR F 178 0.28 -17.03 -11.00
N LYS F 179 0.30 -15.71 -10.87
CA LYS F 179 1.30 -15.03 -10.07
C LYS F 179 1.18 -15.57 -8.65
N LYS F 180 2.27 -16.09 -8.11
CA LYS F 180 2.27 -16.66 -6.77
C LYS F 180 2.46 -15.63 -5.65
N THR F 181 1.55 -15.62 -4.69
CA THR F 181 1.64 -14.70 -3.56
C THR F 181 1.62 -15.45 -2.23
N LEU F 182 1.48 -16.77 -2.30
CA LEU F 182 1.45 -17.61 -1.11
C LEU F 182 2.24 -18.89 -1.30
N ASP F 183 2.69 -19.48 -0.20
CA ASP F 183 3.43 -20.74 -0.27
C ASP F 183 2.41 -21.88 -0.24
N VAL F 184 1.53 -21.83 0.75
CA VAL F 184 0.50 -22.85 0.94
C VAL F 184 -0.85 -22.23 1.22
N ILE F 185 -1.91 -22.88 0.76
CA ILE F 185 -3.25 -22.37 1.00
C ILE F 185 -4.21 -23.51 1.26
N TYR F 186 -5.27 -23.20 1.99
CA TYR F 186 -6.32 -24.16 2.32
C TYR F 186 -7.60 -23.39 2.58
N GLY F 187 -8.68 -23.79 1.90
CA GLY F 187 -9.95 -23.12 2.08
C GLY F 187 -11.00 -24.06 2.64
N GLY F 188 -11.70 -23.61 3.68
CA GLY F 188 -12.74 -24.43 4.26
C GLY F 188 -13.22 -23.88 5.58
N SER F 189 -14.11 -24.63 6.23
CA SER F 189 -14.64 -24.20 7.52
C SER F 189 -13.91 -24.94 8.62
N PHE F 190 -14.24 -24.62 9.86
CA PHE F 190 -13.63 -25.26 11.02
C PHE F 190 -14.19 -26.66 11.23
N ARG F 191 -15.32 -26.95 10.58
CA ARG F 191 -15.98 -28.25 10.69
C ARG F 191 -16.17 -28.70 12.14
N SER F 192 -16.43 -27.73 13.02
CA SER F 192 -16.65 -28.00 14.43
C SER F 192 -15.50 -28.77 15.08
N GLY F 193 -14.28 -28.48 14.63
CA GLY F 193 -13.11 -29.13 15.20
C GLY F 193 -12.87 -30.57 14.81
N GLN F 194 -13.68 -31.10 13.90
CA GLN F 194 -13.52 -32.49 13.47
C GLN F 194 -12.18 -32.79 12.82
N ARG F 195 -11.46 -31.75 12.43
CA ARG F 195 -10.18 -31.90 11.74
C ARG F 195 -9.10 -31.00 12.36
N GLU F 196 -9.30 -30.60 13.61
CA GLU F 196 -8.36 -29.68 14.24
C GLU F 196 -6.89 -30.10 14.29
N SER F 197 -6.64 -31.35 14.65
N SER F 197 -6.63 -31.36 14.66
CA SER F 197 -5.27 -31.84 14.75
CA SER F 197 -5.26 -31.84 14.75
C SER F 197 -4.55 -31.75 13.40
C SER F 197 -4.55 -31.75 13.40
N LYS F 198 -5.26 -32.09 12.33
CA LYS F 198 -4.69 -32.05 10.98
C LYS F 198 -4.47 -30.62 10.52
N MET F 199 -5.40 -29.72 10.82
CA MET F 199 -5.24 -28.33 10.41
C MET F 199 -4.04 -27.72 11.12
N VAL F 200 -3.91 -27.97 12.41
CA VAL F 200 -2.79 -27.43 13.18
C VAL F 200 -1.48 -28.04 12.70
N GLU F 201 -1.47 -29.34 12.46
CA GLU F 201 -0.27 -30.03 12.01
C GLU F 201 0.31 -29.44 10.73
N PHE F 202 -0.52 -29.30 9.72
CA PHE F 202 -0.07 -28.83 8.41
C PHE F 202 -0.15 -27.34 8.09
N LEU F 203 -0.90 -26.56 8.86
CA LEU F 203 -1.04 -25.15 8.54
C LEU F 203 -0.51 -24.16 9.55
N PHE F 204 -0.17 -24.64 10.75
CA PHE F 204 0.33 -23.78 11.81
C PHE F 204 1.82 -24.01 12.09
N ASP F 205 2.50 -22.96 12.57
CA ASP F 205 3.92 -23.03 12.91
C ASP F 205 4.84 -23.64 11.84
N THR F 206 4.56 -23.35 10.57
CA THR F 206 5.36 -23.90 9.47
C THR F 206 6.50 -22.98 9.03
N GLY F 207 6.40 -21.70 9.37
CA GLY F 207 7.42 -20.76 8.96
C GLY F 207 7.22 -20.38 7.49
N LEU F 208 6.13 -20.87 6.91
CA LEU F 208 5.82 -20.58 5.51
C LEU F 208 4.73 -19.53 5.43
N ASN F 209 4.50 -18.97 4.24
CA ASN F 209 3.45 -17.98 4.05
C ASN F 209 2.19 -18.75 3.69
N ILE F 210 1.38 -19.03 4.71
CA ILE F 210 0.16 -19.81 4.51
C ILE F 210 -1.11 -19.00 4.75
N GLU F 211 -2.13 -19.26 3.94
CA GLU F 211 -3.41 -18.59 4.09
C GLU F 211 -4.50 -19.64 4.24
N PHE F 212 -5.40 -19.40 5.19
CA PHE F 212 -6.51 -20.29 5.47
C PHE F 212 -7.76 -19.45 5.16
N PHE F 213 -8.39 -19.67 4.02
CA PHE F 213 -9.58 -18.90 3.70
C PHE F 213 -10.83 -19.73 3.97
N GLY F 214 -11.98 -19.06 4.10
CA GLY F 214 -13.21 -19.78 4.40
C GLY F 214 -13.80 -19.26 5.71
N ASN F 215 -14.76 -20.00 6.25
CA ASN F 215 -15.40 -19.58 7.49
C ASN F 215 -14.61 -19.81 8.77
N ALA F 216 -13.52 -20.57 8.68
CA ALA F 216 -12.70 -20.86 9.84
C ALA F 216 -12.04 -19.60 10.39
N ARG F 217 -12.02 -19.50 11.72
CA ARG F 217 -11.43 -18.36 12.41
C ARG F 217 -10.35 -18.83 13.38
N GLU F 218 -9.30 -18.03 13.51
CA GLU F 218 -8.20 -18.36 14.40
C GLU F 218 -8.66 -18.69 15.82
N LYS F 219 -9.61 -17.91 16.34
CA LYS F 219 -10.08 -18.12 17.70
C LYS F 219 -10.80 -19.46 17.93
N GLN F 220 -11.12 -20.17 16.86
CA GLN F 220 -11.79 -21.45 17.02
C GLN F 220 -10.80 -22.55 17.40
N PHE F 221 -9.51 -22.31 17.11
CA PHE F 221 -8.47 -23.29 17.40
C PHE F 221 -7.94 -23.14 18.81
N LYS F 222 -8.59 -23.81 19.75
CA LYS F 222 -8.22 -23.70 21.15
C LYS F 222 -8.17 -25.04 21.90
N ASN F 223 -8.23 -26.16 21.17
CA ASN F 223 -8.15 -27.46 21.84
C ASN F 223 -6.74 -27.58 22.42
N PRO F 224 -6.63 -27.75 23.74
CA PRO F 224 -5.32 -27.88 24.40
C PRO F 224 -4.47 -29.05 23.92
N LYS F 225 -5.11 -30.02 23.26
CA LYS F 225 -4.37 -31.18 22.76
C LYS F 225 -3.56 -30.84 21.51
N TYR F 226 -3.95 -29.77 20.83
CA TYR F 226 -3.28 -29.36 19.59
C TYR F 226 -2.84 -27.90 19.66
N PRO F 227 -1.87 -27.59 20.54
CA PRO F 227 -1.36 -26.22 20.69
C PRO F 227 -0.53 -25.70 19.53
N TRP F 228 -0.42 -24.38 19.44
CA TRP F 228 0.34 -23.73 18.39
C TRP F 228 0.76 -22.35 18.83
N THR F 229 1.72 -21.77 18.11
CA THR F 229 2.21 -20.44 18.42
C THR F 229 1.92 -19.44 17.31
N LYS F 230 2.28 -19.81 16.09
CA LYS F 230 2.05 -18.96 14.91
C LYS F 230 0.98 -19.56 14.02
N ALA F 231 -0.11 -18.84 13.83
CA ALA F 231 -1.20 -19.32 13.00
C ALA F 231 -1.06 -18.82 11.57
N PRO F 232 -1.71 -19.49 10.62
CA PRO F 232 -1.63 -19.03 9.23
C PRO F 232 -2.51 -17.78 9.18
N VAL F 233 -2.51 -17.08 8.06
CA VAL F 233 -3.34 -15.89 7.92
C VAL F 233 -4.74 -16.33 7.56
N PHE F 234 -5.73 -15.89 8.32
CA PHE F 234 -7.11 -16.25 8.02
C PHE F 234 -7.79 -15.13 7.24
N THR F 235 -8.43 -15.51 6.14
CA THR F 235 -9.15 -14.55 5.32
C THR F 235 -10.59 -15.02 5.20
N GLY F 236 -11.48 -14.13 4.79
CA GLY F 236 -12.89 -14.46 4.69
C GLY F 236 -13.25 -15.53 3.67
N LYS F 237 -14.52 -15.92 3.70
CA LYS F 237 -15.01 -16.93 2.77
C LYS F 237 -15.22 -16.29 1.40
N ILE F 238 -15.14 -17.11 0.35
CA ILE F 238 -15.35 -16.64 -1.00
C ILE F 238 -16.34 -17.57 -1.67
N PRO F 239 -16.94 -17.14 -2.79
CA PRO F 239 -17.92 -17.97 -3.51
C PRO F 239 -17.30 -19.27 -3.97
N MET F 240 -18.06 -20.36 -3.93
CA MET F 240 -17.55 -21.64 -4.37
C MET F 240 -17.01 -21.60 -5.79
N ASN F 241 -17.62 -20.79 -6.65
CA ASN F 241 -17.16 -20.71 -8.04
C ASN F 241 -15.92 -19.85 -8.25
N MET F 242 -15.26 -19.48 -7.15
CA MET F 242 -14.03 -18.69 -7.22
C MET F 242 -12.92 -19.40 -6.45
N VAL F 243 -13.20 -20.62 -5.99
CA VAL F 243 -12.22 -21.38 -5.20
C VAL F 243 -10.94 -21.79 -5.93
N SER F 244 -11.05 -22.30 -7.16
CA SER F 244 -9.86 -22.70 -7.88
C SER F 244 -8.95 -21.50 -8.15
N GLU F 245 -9.54 -20.35 -8.42
CA GLU F 245 -8.75 -19.15 -8.66
C GLU F 245 -7.98 -18.78 -7.39
N LYS F 246 -8.62 -18.96 -6.24
CA LYS F 246 -7.99 -18.65 -4.96
C LYS F 246 -6.84 -19.63 -4.70
N ASN F 247 -7.09 -20.92 -4.87
CA ASN F 247 -6.04 -21.92 -4.66
C ASN F 247 -4.82 -21.59 -5.52
N SER F 248 -5.08 -21.13 -6.75
CA SER F 248 -4.01 -20.82 -7.69
C SER F 248 -3.02 -19.73 -7.26
N GLN F 249 -3.35 -18.97 -6.23
CA GLN F 249 -2.43 -17.93 -5.77
C GLN F 249 -1.27 -18.53 -4.99
N ALA F 250 -1.37 -19.83 -4.68
CA ALA F 250 -0.34 -20.50 -3.90
C ALA F 250 0.52 -21.51 -4.66
N ILE F 251 1.72 -21.73 -4.16
CA ILE F 251 2.63 -22.69 -4.77
C ILE F 251 2.02 -24.08 -4.59
N ALA F 252 1.45 -24.32 -3.41
CA ALA F 252 0.84 -25.60 -3.09
C ALA F 252 -0.46 -25.41 -2.29
N ALA F 253 -1.36 -26.39 -2.38
CA ALA F 253 -2.62 -26.36 -1.65
C ALA F 253 -2.77 -27.70 -0.94
N LEU F 254 -3.22 -27.64 0.30
CA LEU F 254 -3.35 -28.82 1.14
C LEU F 254 -4.62 -29.65 1.03
N ILE F 255 -4.44 -30.97 1.04
CA ILE F 255 -5.55 -31.89 1.03
C ILE F 255 -5.51 -32.69 2.34
N ILE F 256 -6.52 -32.49 3.20
CA ILE F 256 -6.65 -33.24 4.45
C ILE F 256 -8.14 -33.54 4.58
N GLY F 257 -8.50 -34.48 5.46
CA GLY F 257 -9.90 -34.82 5.62
C GLY F 257 -10.20 -35.30 7.02
N ASP F 258 -11.49 -35.56 7.29
CA ASP F 258 -11.90 -36.08 8.57
C ASP F 258 -11.38 -37.51 8.64
N LYS F 259 -11.24 -38.05 9.84
CA LYS F 259 -10.73 -39.41 9.97
C LYS F 259 -11.52 -40.41 9.11
N ASN F 260 -12.85 -40.31 9.12
CA ASN F 260 -13.67 -41.22 8.33
C ASN F 260 -13.60 -40.99 6.82
N TYR F 261 -12.82 -39.98 6.39
CA TYR F 261 -12.66 -39.73 4.97
C TYR F 261 -11.46 -40.47 4.43
N ASN F 262 -10.52 -40.81 5.32
CA ASN F 262 -9.31 -41.51 4.91
C ASN F 262 -9.60 -42.76 4.07
N ASP F 263 -8.97 -42.85 2.91
CA ASP F 263 -9.14 -43.97 1.98
C ASP F 263 -10.60 -44.28 1.77
N ASN F 264 -11.46 -43.27 1.86
CA ASN F 264 -12.88 -43.48 1.72
C ASN F 264 -13.56 -42.45 0.83
N PHE F 265 -13.49 -41.19 1.25
CA PHE F 265 -14.08 -40.07 0.52
C PHE F 265 -13.07 -39.32 -0.34
N ILE F 266 -13.45 -39.01 -1.57
CA ILE F 266 -12.63 -38.13 -2.40
C ILE F 266 -13.53 -36.91 -2.23
N THR F 267 -12.95 -35.78 -1.85
CA THR F 267 -13.74 -34.58 -1.62
C THR F 267 -13.59 -33.54 -2.74
N LEU F 268 -14.48 -32.55 -2.73
CA LEU F 268 -14.45 -31.47 -3.72
C LEU F 268 -13.08 -30.81 -3.83
N ARG F 269 -12.44 -30.57 -2.70
CA ARG F 269 -11.15 -29.90 -2.71
C ARG F 269 -10.10 -30.67 -3.49
N VAL F 270 -10.22 -31.99 -3.58
CA VAL F 270 -9.26 -32.77 -4.34
C VAL F 270 -9.29 -32.25 -5.78
N TRP F 271 -10.49 -32.12 -6.34
CA TRP F 271 -10.63 -31.65 -7.71
C TRP F 271 -10.38 -30.15 -7.85
N GLU F 272 -10.88 -29.36 -6.89
CA GLU F 272 -10.67 -27.91 -6.94
C GLU F 272 -9.20 -27.56 -6.87
N THR F 273 -8.43 -28.40 -6.16
CA THR F 273 -7.00 -28.20 -6.02
C THR F 273 -6.29 -28.78 -7.24
N MET F 274 -6.64 -30.02 -7.60
CA MET F 274 -6.02 -30.66 -8.73
C MET F 274 -6.16 -29.81 -9.99
N ALA F 275 -7.31 -29.17 -10.15
CA ALA F 275 -7.57 -28.33 -11.32
C ALA F 275 -6.91 -26.95 -11.25
N SER F 276 -6.44 -26.57 -10.05
CA SER F 276 -5.82 -25.26 -9.87
C SER F 276 -4.36 -25.19 -10.32
N ASP F 277 -3.77 -24.01 -10.16
CA ASP F 277 -2.39 -23.76 -10.51
C ASP F 277 -1.49 -24.06 -9.32
N ALA F 278 -2.07 -24.59 -8.25
CA ALA F 278 -1.31 -24.91 -7.04
C ALA F 278 -1.06 -26.41 -7.03
N VAL F 279 0.16 -26.82 -6.68
CA VAL F 279 0.50 -28.23 -6.62
C VAL F 279 -0.24 -28.82 -5.44
N MET F 280 -0.94 -29.93 -5.69
CA MET F 280 -1.70 -30.61 -4.66
C MET F 280 -0.79 -31.43 -3.77
N LEU F 281 -0.81 -31.15 -2.46
CA LEU F 281 -0.01 -31.91 -1.50
C LEU F 281 -1.01 -32.57 -0.55
N ILE F 282 -1.01 -33.90 -0.59
CA ILE F 282 -1.95 -34.72 0.15
C ILE F 282 -1.40 -35.40 1.40
N ASP F 283 -2.16 -35.31 2.49
CA ASP F 283 -1.80 -35.96 3.75
C ASP F 283 -1.81 -37.46 3.45
N GLU F 284 -0.68 -38.12 3.69
CA GLU F 284 -0.55 -39.55 3.43
C GLU F 284 -1.70 -40.36 4.03
N GLU F 285 -2.10 -40.02 5.25
CA GLU F 285 -3.17 -40.73 5.93
C GLU F 285 -4.52 -40.68 5.20
N PHE F 286 -4.72 -39.63 4.42
CA PHE F 286 -5.97 -39.44 3.68
C PHE F 286 -6.11 -40.38 2.48
N ASP F 287 -4.98 -40.82 1.93
CA ASP F 287 -5.00 -41.68 0.74
C ASP F 287 -3.71 -42.50 0.76
N THR F 288 -3.68 -43.50 1.64
CA THR F 288 -2.50 -44.34 1.83
C THR F 288 -2.06 -45.18 0.65
N LYS F 289 -2.96 -45.46 -0.29
CA LYS F 289 -2.61 -46.27 -1.46
C LYS F 289 -2.31 -45.37 -2.65
N HIS F 290 -2.28 -44.06 -2.40
CA HIS F 290 -2.01 -43.08 -3.45
C HIS F 290 -2.92 -43.30 -4.65
N ARG F 291 -4.23 -43.40 -4.40
CA ARG F 291 -5.16 -43.62 -5.49
C ARG F 291 -5.46 -42.34 -6.29
N ILE F 292 -5.25 -41.19 -5.67
CA ILE F 292 -5.49 -39.90 -6.32
C ILE F 292 -4.43 -39.70 -7.41
N ILE F 293 -3.16 -39.84 -7.03
N ILE F 293 -3.16 -39.84 -7.03
CA ILE F 293 -2.05 -39.72 -7.96
CA ILE F 293 -2.05 -39.72 -7.96
C ILE F 293 -0.97 -40.70 -7.54
C ILE F 293 -0.97 -40.70 -7.54
N ASN F 294 -0.62 -41.61 -8.44
CA ASN F 294 0.40 -42.61 -8.14
C ASN F 294 1.82 -42.05 -8.29
N ASP F 295 2.11 -41.04 -7.46
CA ASP F 295 3.41 -40.39 -7.44
C ASP F 295 3.59 -39.92 -6.00
N ALA F 296 4.56 -40.50 -5.30
CA ALA F 296 4.80 -40.18 -3.90
C ALA F 296 5.14 -38.73 -3.60
N ARG F 297 5.59 -37.98 -4.61
CA ARG F 297 5.97 -36.59 -4.40
C ARG F 297 4.79 -35.71 -4.01
N PHE F 298 3.57 -36.18 -4.27
CA PHE F 298 2.38 -35.40 -3.93
C PHE F 298 1.90 -35.68 -2.51
N TYR F 299 2.58 -36.56 -1.80
CA TYR F 299 2.15 -36.91 -0.44
C TYR F 299 3.12 -36.50 0.65
N VAL F 300 2.55 -36.08 1.79
CA VAL F 300 3.33 -35.66 2.95
C VAL F 300 2.75 -36.32 4.21
N ASN F 301 3.63 -36.76 5.10
CA ASN F 301 3.20 -37.42 6.34
C ASN F 301 2.99 -36.50 7.53
N ASN F 302 3.76 -35.43 7.59
CA ASN F 302 3.66 -34.50 8.71
C ASN F 302 4.10 -33.09 8.35
N ARG F 303 4.10 -32.22 9.36
CA ARG F 303 4.49 -30.83 9.17
C ARG F 303 5.87 -30.68 8.54
N ALA F 304 6.86 -31.37 9.08
CA ALA F 304 8.21 -31.29 8.56
C ALA F 304 8.30 -31.67 7.07
N GLU F 305 7.62 -32.74 6.69
CA GLU F 305 7.65 -33.17 5.30
C GLU F 305 6.97 -32.16 4.37
N LEU F 306 5.90 -31.52 4.85
CA LEU F 306 5.20 -30.52 4.04
C LEU F 306 6.12 -29.32 3.83
N ILE F 307 6.76 -28.87 4.90
CA ILE F 307 7.66 -27.72 4.81
C ILE F 307 8.79 -28.01 3.82
N ASP F 308 9.35 -29.21 3.89
CA ASP F 308 10.44 -29.59 3.00
C ASP F 308 9.96 -29.67 1.55
N ARG F 309 8.78 -30.23 1.34
CA ARG F 309 8.23 -30.37 -0.01
C ARG F 309 7.99 -28.98 -0.61
N VAL F 310 7.45 -28.07 0.19
CA VAL F 310 7.19 -26.72 -0.29
C VAL F 310 8.51 -26.01 -0.59
N ASN F 311 9.53 -26.24 0.24
CA ASN F 311 10.81 -25.61 -0.01
C ASN F 311 11.37 -26.12 -1.33
N GLU F 312 11.17 -27.40 -1.62
CA GLU F 312 11.66 -27.96 -2.87
C GLU F 312 10.93 -27.36 -4.06
N LEU F 313 9.63 -27.15 -3.90
CA LEU F 313 8.81 -26.56 -4.97
C LEU F 313 9.19 -25.10 -5.21
N LYS F 314 9.51 -24.38 -4.15
CA LYS F 314 9.92 -22.99 -4.26
C LYS F 314 11.30 -22.91 -4.93
N HIS F 315 12.14 -23.90 -4.67
CA HIS F 315 13.49 -23.92 -5.23
C HIS F 315 13.55 -24.31 -6.71
N SER F 316 12.69 -25.24 -7.12
CA SER F 316 12.70 -25.72 -8.49
C SER F 316 11.39 -25.46 -9.24
N ASP F 317 11.40 -24.45 -10.10
CA ASP F 317 10.23 -24.11 -10.90
C ASP F 317 9.98 -25.28 -11.85
N VAL F 318 11.06 -25.96 -12.24
CA VAL F 318 10.95 -27.10 -13.13
C VAL F 318 10.16 -28.21 -12.46
N LEU F 319 10.46 -28.47 -11.19
CA LEU F 319 9.75 -29.52 -10.44
C LEU F 319 8.28 -29.15 -10.28
N ARG F 320 8.03 -27.90 -9.90
CA ARG F 320 6.67 -27.42 -9.69
C ARG F 320 5.83 -27.59 -10.96
N LYS F 321 6.38 -27.14 -12.09
CA LYS F 321 5.68 -27.25 -13.35
C LYS F 321 5.48 -28.70 -13.76
N GLU F 322 6.46 -29.56 -13.48
CA GLU F 322 6.32 -30.97 -13.82
C GLU F 322 5.18 -31.59 -13.02
N MET F 323 5.13 -31.31 -11.73
CA MET F 323 4.09 -31.86 -10.89
C MET F 323 2.71 -31.32 -11.28
N LEU F 324 2.63 -30.05 -11.66
CA LEU F 324 1.35 -29.50 -12.08
C LEU F 324 0.90 -30.20 -13.35
N SER F 325 1.82 -30.46 -14.25
N SER F 325 1.83 -30.46 -14.26
CA SER F 325 1.49 -31.14 -15.50
CA SER F 325 1.49 -31.13 -15.51
C SER F 325 0.95 -32.54 -15.20
C SER F 325 0.98 -32.55 -15.22
N ILE F 326 1.57 -33.20 -14.23
CA ILE F 326 1.15 -34.54 -13.85
C ILE F 326 -0.27 -34.54 -13.28
N GLN F 327 -0.55 -33.64 -12.33
CA GLN F 327 -1.88 -33.63 -11.75
C GLN F 327 -2.96 -33.19 -12.75
N HIS F 328 -2.62 -32.28 -13.66
CA HIS F 328 -3.59 -31.85 -14.66
C HIS F 328 -3.90 -33.00 -15.61
N ASP F 329 -2.88 -33.78 -15.95
N ASP F 329 -2.89 -33.79 -15.96
CA ASP F 329 -3.06 -34.93 -16.83
CA ASP F 329 -3.08 -34.93 -16.84
C ASP F 329 -3.99 -35.96 -16.18
C ASP F 329 -3.98 -35.97 -16.19
N ILE F 330 -3.74 -36.25 -14.91
CA ILE F 330 -4.56 -37.23 -14.19
C ILE F 330 -6.01 -36.75 -14.13
N LEU F 331 -6.18 -35.45 -13.91
CA LEU F 331 -7.53 -34.90 -13.84
C LEU F 331 -8.24 -35.09 -15.19
N ASN F 332 -7.55 -34.74 -16.27
CA ASN F 332 -8.16 -34.89 -17.60
C ASN F 332 -8.46 -36.34 -17.97
N LYS F 333 -7.71 -37.27 -17.40
CA LYS F 333 -7.95 -38.68 -17.68
C LYS F 333 -9.29 -39.10 -17.07
N THR F 334 -9.62 -38.52 -15.93
CA THR F 334 -10.88 -38.82 -15.26
C THR F 334 -12.02 -38.12 -16.00
N ARG F 335 -11.75 -36.92 -16.50
CA ARG F 335 -12.78 -36.18 -17.23
C ARG F 335 -13.17 -36.93 -18.50
N ALA F 336 -12.22 -37.63 -19.10
CA ALA F 336 -12.47 -38.37 -20.33
C ALA F 336 -13.50 -39.49 -20.14
N LYS F 337 -13.75 -39.86 -18.89
CA LYS F 337 -14.71 -40.91 -18.58
C LYS F 337 -16.00 -40.34 -18.00
N LYS F 338 -16.35 -39.15 -18.49
N LYS F 338 -16.36 -39.14 -18.47
CA LYS F 338 -17.55 -38.45 -18.05
CA LYS F 338 -17.57 -38.48 -18.01
C LYS F 338 -18.81 -39.27 -18.31
C LYS F 338 -18.82 -39.31 -18.29
N ALA F 339 -18.88 -39.91 -19.48
CA ALA F 339 -20.05 -40.71 -19.84
C ALA F 339 -20.36 -41.81 -18.83
N GLU F 340 -19.33 -42.54 -18.39
CA GLU F 340 -19.55 -43.60 -17.41
C GLU F 340 -20.03 -43.00 -16.09
N TRP F 341 -19.50 -41.84 -15.74
CA TRP F 341 -19.88 -41.18 -14.50
C TRP F 341 -21.36 -40.82 -14.58
N GLN F 342 -21.79 -40.23 -15.69
CA GLN F 342 -23.18 -39.85 -15.83
C GLN F 342 -24.08 -41.08 -15.80
N ASP F 343 -23.65 -42.14 -16.47
CA ASP F 343 -24.44 -43.38 -16.49
C ASP F 343 -24.59 -43.95 -15.09
N ALA F 344 -23.51 -43.90 -14.32
CA ALA F 344 -23.52 -44.40 -12.96
C ALA F 344 -24.44 -43.59 -12.06
N PHE F 345 -24.50 -42.28 -12.27
CA PHE F 345 -25.38 -41.46 -11.46
C PHE F 345 -26.81 -41.82 -11.79
N LYS F 346 -27.11 -41.98 -13.08
CA LYS F 346 -28.45 -42.34 -13.49
C LYS F 346 -28.86 -43.67 -12.89
N LYS F 347 -27.90 -44.62 -12.84
CA LYS F 347 -28.19 -45.92 -12.26
C LYS F 347 -28.48 -45.76 -10.77
N ALA F 348 -27.74 -44.87 -10.13
CA ALA F 348 -27.92 -44.62 -8.70
C ALA F 348 -29.32 -44.11 -8.37
N ILE F 349 -29.91 -43.31 -9.26
CA ILE F 349 -31.24 -42.81 -9.00
C ILE F 349 -32.30 -43.63 -9.74
N ASP F 350 -31.96 -44.89 -9.99
CA ASP F 350 -32.84 -45.84 -10.64
C ASP F 350 -33.38 -45.45 -12.01
N LEU F 351 -32.50 -44.93 -12.86
CA LEU F 351 -32.88 -44.56 -14.21
C LEU F 351 -32.11 -45.46 -15.19
#